data_6D66
#
_entry.id   6D66
#
_cell.length_a   79.967
_cell.length_b   79.967
_cell.length_c   265.797
_cell.angle_alpha   90.00
_cell.angle_beta   90.00
_cell.angle_gamma   90.00
#
_symmetry.space_group_name_H-M   'P 41 21 2'
#
loop_
_entity.id
_entity.type
_entity.pdbx_description
1 polymer 'Maltose-binding periplasmic protein,Dual specificity protein phosphatase 1'
2 polymer 'Designed AR protein mbp3_16'
3 non-polymer DI(HYDROXYETHYL)ETHER
4 non-polymer 'PHOSPHATE ION'
5 non-polymer GLYCINE
6 non-polymer 'TRIETHYLENE GLYCOL'
7 non-polymer 1,2-ETHANEDIOL
8 non-polymer 'TETRAETHYLENE GLYCOL'
9 non-polymer D-ALANINE
10 water water
#
loop_
_entity_poly.entity_id
_entity_poly.type
_entity_poly.pdbx_seq_one_letter_code
_entity_poly.pdbx_strand_id
1 'polypeptide(L)'
;MKIEEGKLVIWINGDKGYNGLAEVGKKFEKDTGIKVTVEHPDKLEEKFPQVAATGDGPDIIFWAHDRFGGYAQSGLLAEI
TPAAAFQDKLYPFTWDAVRYNGKLIAYPIAVEALSLIYNKDLLPNPPKTWEEIPALDKELKAKGKSALMFNLQEPYFTWP
LIAADGGYAFKYAAGKYDIKDVGVDNAGAKAGLTFLVDLIKNKHMNADTDYSIAEAAFNKGETAMTINGPWAWSNIDTSA
VNYGVTVLPTFKGQPSKPFVGVLSAGINAASPNKELAKEFLENYLLTDEGLEAVNKDKPLGAVALKSYEEELAKDPRIAA
TMENAQKGEIMPNIPQMSAFWYAVRTAVINAASGRQTVDAALAAAQTNAAAGGPVEILPFLYLGSAYHASRKDMLDALGI
TALINVSANCPNHFEGHYQYKSIPVEDNHKADISSWFNEAIDFIDSIKNAGGRVFVHSQAGISRSATICLAYLMRTNRVK
LDEAFEFVKQRRSIISPNFSFMGQLLQFESQVLAHHHHHH
;
A
2 'polypeptide(L)'
;MRGSHHHHHHGSDLGKKLLEAAHAGQDDEVRILMANGADVNAMDNFGVTPLHLAAYWGHFEIVEVLLKYGADVNASDATG
DTPLHLAAKWGYLGIVEVLLKYGADVNAQDKFGKTAFDISIDNGNEDLAEILQKLN
;
B
#
# COMPACT_ATOMS: atom_id res chain seq x y z
N ILE A 3 -11.42 -32.00 15.52
CA ILE A 3 -12.83 -31.61 15.46
C ILE A 3 -13.66 -32.68 16.17
N GLU A 4 -14.97 -32.73 15.87
CA GLU A 4 -15.89 -33.66 16.52
C GLU A 4 -16.97 -34.09 15.52
N GLU A 5 -17.20 -35.40 15.42
CA GLU A 5 -18.10 -35.95 14.40
C GLU A 5 -19.55 -35.66 14.72
N GLY A 6 -20.35 -35.45 13.67
CA GLY A 6 -21.76 -35.18 13.78
C GLY A 6 -22.15 -33.75 14.10
N LYS A 7 -21.17 -32.85 14.26
CA LYS A 7 -21.37 -31.45 14.57
C LYS A 7 -20.61 -30.61 13.55
N LEU A 8 -20.98 -29.33 13.43
CA LEU A 8 -20.25 -28.40 12.58
C LEU A 8 -19.80 -27.21 13.41
N VAL A 9 -18.52 -26.87 13.31
CA VAL A 9 -17.97 -25.67 13.93
C VAL A 9 -17.51 -24.72 12.84
N ILE A 10 -17.95 -23.46 12.91
CA ILE A 10 -17.70 -22.47 11.87
C ILE A 10 -16.98 -21.27 12.50
N TRP A 11 -15.90 -20.84 11.86
CA TRP A 11 -15.21 -19.60 12.21
C TRP A 11 -15.47 -18.56 11.13
N ILE A 12 -15.79 -17.34 11.57
CA ILE A 12 -15.98 -16.21 10.68
C ILE A 12 -15.61 -14.97 11.46
N ASN A 13 -15.10 -13.96 10.77
CA ASN A 13 -14.60 -12.78 11.43
C ASN A 13 -15.72 -12.06 12.20
N GLY A 14 -15.30 -11.30 13.23
CA GLY A 14 -16.25 -10.58 14.06
C GLY A 14 -16.91 -9.39 13.39
N ASP A 15 -16.36 -8.91 12.28
CA ASP A 15 -16.99 -7.83 11.52
C ASP A 15 -18.01 -8.34 10.51
N LYS A 16 -18.39 -9.61 10.57
CA LYS A 16 -19.34 -10.18 9.64
C LYS A 16 -20.63 -10.56 10.37
N GLY A 17 -21.68 -10.80 9.60
CA GLY A 17 -22.96 -11.20 10.17
C GLY A 17 -22.94 -12.56 10.80
N TYR A 18 -22.14 -12.77 11.87
CA TYR A 18 -21.99 -14.12 12.41
C TYR A 18 -23.27 -14.63 13.07
N ASN A 19 -24.14 -13.74 13.53
CA ASN A 19 -25.38 -14.19 14.16
C ASN A 19 -26.45 -14.53 13.12
N GLY A 20 -26.46 -13.84 11.98
CA GLY A 20 -27.25 -14.30 10.85
C GLY A 20 -26.81 -15.69 10.40
N LEU A 21 -25.49 -15.89 10.28
CA LEU A 21 -24.97 -17.22 9.96
C LEU A 21 -25.40 -18.26 10.99
N ALA A 22 -25.18 -17.95 12.28
CA ALA A 22 -25.64 -18.83 13.35
C ALA A 22 -27.12 -19.15 13.20
N GLU A 23 -27.90 -18.17 12.76
CA GLU A 23 -29.31 -18.38 12.51
C GLU A 23 -29.54 -19.40 11.40
N VAL A 24 -28.72 -19.37 10.35
CA VAL A 24 -28.81 -20.38 9.29
C VAL A 24 -28.44 -21.75 9.85
N GLY A 25 -27.41 -21.80 10.70
CA GLY A 25 -27.05 -23.04 11.36
C GLY A 25 -28.18 -23.62 12.20
N LYS A 26 -28.91 -22.76 12.93
CA LYS A 26 -30.03 -23.26 13.72
C LYS A 26 -31.10 -23.89 12.85
N LYS A 27 -31.44 -23.26 11.71
CA LYS A 27 -32.38 -23.90 10.80
C LYS A 27 -31.84 -25.24 10.28
N PHE A 28 -30.54 -25.31 10.02
CA PHE A 28 -29.92 -26.59 9.66
C PHE A 28 -30.08 -27.60 10.80
N GLU A 29 -29.83 -27.16 12.04
CA GLU A 29 -29.97 -28.07 13.17
C GLU A 29 -31.42 -28.53 13.34
N LYS A 30 -32.38 -27.63 13.13
CA LYS A 30 -33.79 -27.99 13.25
C LYS A 30 -34.20 -29.02 12.21
N ASP A 31 -33.65 -28.91 11.00
CA ASP A 31 -34.02 -29.82 9.92
C ASP A 31 -33.30 -31.16 10.03
N THR A 32 -32.06 -31.17 10.54
CA THR A 32 -31.22 -32.35 10.48
C THR A 32 -30.88 -32.94 11.83
N GLY A 33 -30.99 -32.17 12.91
CA GLY A 33 -30.46 -32.57 14.18
C GLY A 33 -28.98 -32.31 14.34
N ILE A 34 -28.32 -31.76 13.33
CA ILE A 34 -26.89 -31.54 13.37
C ILE A 34 -26.63 -30.17 13.98
N LYS A 35 -25.95 -30.16 15.12
CA LYS A 35 -25.65 -28.89 15.79
C LYS A 35 -24.61 -28.10 15.02
N VAL A 36 -24.86 -26.81 14.87
CA VAL A 36 -23.97 -25.89 14.19
C VAL A 36 -23.60 -24.80 15.18
N THR A 37 -22.29 -24.60 15.37
CA THR A 37 -21.79 -23.60 16.30
C THR A 37 -20.94 -22.62 15.52
N VAL A 38 -21.22 -21.32 15.70
CA VAL A 38 -20.49 -20.26 15.01
C VAL A 38 -19.66 -19.50 16.04
N GLU A 39 -18.36 -19.42 15.81
CA GLU A 39 -17.44 -18.68 16.65
C GLU A 39 -16.77 -17.59 15.81
N HIS A 40 -16.20 -16.59 16.47
CA HIS A 40 -15.48 -15.51 15.79
C HIS A 40 -14.23 -15.15 16.57
N PRO A 41 -13.22 -16.03 16.60
CA PRO A 41 -12.03 -15.76 17.38
C PRO A 41 -11.25 -14.56 16.86
N ASP A 42 -10.59 -13.86 17.78
CA ASP A 42 -9.71 -12.76 17.38
C ASP A 42 -8.53 -13.32 16.60
N LYS A 43 -8.20 -12.67 15.49
CA LYS A 43 -7.10 -13.10 14.62
C LYS A 43 -7.26 -14.57 14.20
N LEU A 44 -8.46 -14.90 13.72
CA LEU A 44 -8.71 -16.30 13.35
C LEU A 44 -7.97 -16.71 12.10
N GLU A 45 -7.66 -15.75 11.21
CA GLU A 45 -6.87 -16.06 10.03
C GLU A 45 -5.44 -16.48 10.37
N GLU A 46 -4.98 -16.19 11.59
CA GLU A 46 -3.69 -16.67 12.06
C GLU A 46 -3.83 -17.92 12.90
N LYS A 47 -4.91 -18.00 13.69
CA LYS A 47 -5.16 -19.20 14.48
C LYS A 47 -5.42 -20.41 13.58
N PHE A 48 -6.13 -20.21 12.46
CA PHE A 48 -6.51 -21.36 11.63
C PHE A 48 -5.31 -22.15 11.13
N PRO A 49 -4.30 -21.57 10.48
CA PRO A 49 -3.18 -22.40 9.99
C PRO A 49 -2.45 -23.16 11.08
N GLN A 50 -2.51 -22.68 12.33
CA GLN A 50 -1.83 -23.35 13.43
C GLN A 50 -2.64 -24.55 13.94
N VAL A 51 -3.91 -24.31 14.29
CA VAL A 51 -4.71 -25.41 14.82
C VAL A 51 -5.07 -26.41 13.71
N ALA A 52 -5.18 -25.95 12.46
CA ALA A 52 -5.56 -26.86 11.39
C ALA A 52 -4.41 -27.79 11.00
N ALA A 53 -3.17 -27.32 11.10
CA ALA A 53 -2.05 -28.22 10.89
C ALA A 53 -1.98 -29.29 11.98
N THR A 54 -2.51 -29.00 13.17
CA THR A 54 -2.64 -30.00 14.21
C THR A 54 -3.66 -31.07 13.83
N GLY A 55 -4.71 -30.67 13.13
CA GLY A 55 -5.87 -31.50 12.92
C GLY A 55 -7.09 -31.06 13.70
N ASP A 56 -7.07 -29.84 14.25
CA ASP A 56 -8.23 -29.27 14.92
C ASP A 56 -8.63 -27.98 14.20
N GLY A 57 -9.31 -27.08 14.92
CA GLY A 57 -9.86 -25.90 14.31
C GLY A 57 -11.28 -26.14 13.85
N PRO A 58 -11.85 -25.20 13.11
CA PRO A 58 -13.25 -25.33 12.70
C PRO A 58 -13.37 -26.32 11.55
N ASP A 59 -14.61 -26.78 11.34
CA ASP A 59 -14.92 -27.52 10.12
C ASP A 59 -14.95 -26.59 8.90
N ILE A 60 -15.39 -25.35 9.09
CA ILE A 60 -15.57 -24.37 8.01
C ILE A 60 -14.98 -23.04 8.46
N ILE A 61 -14.22 -22.41 7.59
CA ILE A 61 -13.68 -21.09 7.86
C ILE A 61 -14.12 -20.14 6.74
N PHE A 62 -14.59 -18.97 7.14
CA PHE A 62 -14.96 -17.89 6.24
C PHE A 62 -13.84 -16.86 6.23
N TRP A 63 -13.38 -16.49 5.05
CA TRP A 63 -12.39 -15.45 4.89
C TRP A 63 -12.37 -15.05 3.42
N ALA A 64 -11.79 -13.88 3.16
CA ALA A 64 -11.51 -13.50 1.78
C ALA A 64 -10.65 -14.56 1.12
N HIS A 65 -10.91 -14.80 -0.17
CA HIS A 65 -10.33 -15.92 -0.90
C HIS A 65 -8.81 -15.87 -0.99
N ASP A 66 -8.21 -14.69 -0.85
CA ASP A 66 -6.79 -14.57 -1.15
C ASP A 66 -5.94 -15.33 -0.13
N ARG A 67 -6.34 -15.36 1.13
CA ARG A 67 -5.60 -16.17 2.09
C ARG A 67 -5.73 -17.67 1.82
N PHE A 68 -6.77 -18.09 1.10
CA PHE A 68 -7.05 -19.52 0.98
C PHE A 68 -6.04 -20.25 0.09
N GLY A 69 -5.33 -19.52 -0.78
CA GLY A 69 -4.29 -20.17 -1.57
C GLY A 69 -3.14 -20.65 -0.71
N GLY A 70 -2.79 -19.86 0.31
CA GLY A 70 -1.78 -20.28 1.26
C GLY A 70 -2.22 -21.46 2.09
N TYR A 71 -3.46 -21.42 2.58
CA TYR A 71 -4.01 -22.58 3.28
C TYR A 71 -3.95 -23.83 2.39
N ALA A 72 -4.29 -23.68 1.11
CA ALA A 72 -4.33 -24.83 0.22
C ALA A 72 -2.93 -25.36 -0.08
N GLN A 73 -1.94 -24.46 -0.15
CA GLN A 73 -0.55 -24.89 -0.31
C GLN A 73 -0.14 -25.84 0.81
N SER A 74 -0.46 -25.50 2.05
CA SER A 74 -0.18 -26.34 3.21
C SER A 74 -1.18 -27.49 3.38
N GLY A 75 -2.00 -27.77 2.37
CA GLY A 75 -2.94 -28.87 2.48
C GLY A 75 -3.99 -28.73 3.57
N LEU A 76 -4.29 -27.50 4.01
CA LEU A 76 -5.24 -27.30 5.10
C LEU A 76 -6.70 -27.24 4.66
N LEU A 77 -6.98 -27.26 3.35
CA LEU A 77 -8.33 -27.12 2.85
C LEU A 77 -8.69 -28.32 1.97
N ALA A 78 -9.92 -28.80 2.14
CA ALA A 78 -10.43 -29.86 1.30
C ALA A 78 -10.82 -29.34 -0.09
N GLU A 79 -10.52 -30.14 -1.11
CA GLU A 79 -10.99 -29.83 -2.46
C GLU A 79 -12.50 -30.04 -2.54
N ILE A 80 -13.18 -29.16 -3.25
CA ILE A 80 -14.61 -29.34 -3.46
C ILE A 80 -14.86 -29.52 -4.94
N THR A 81 -15.91 -30.25 -5.26
CA THR A 81 -16.29 -30.54 -6.64
C THR A 81 -17.78 -30.31 -6.84
N PRO A 82 -18.25 -29.08 -6.67
CA PRO A 82 -19.68 -28.82 -6.87
C PRO A 82 -20.07 -29.07 -8.32
N ALA A 83 -21.31 -29.54 -8.50
CA ALA A 83 -21.83 -29.81 -9.84
C ALA A 83 -21.93 -28.54 -10.66
N ALA A 84 -21.85 -28.69 -11.99
CA ALA A 84 -22.04 -27.55 -12.87
C ALA A 84 -23.39 -26.88 -12.64
N ALA A 85 -24.43 -27.67 -12.36
CA ALA A 85 -25.72 -27.08 -12.04
C ALA A 85 -25.66 -26.23 -10.77
N PHE A 86 -24.79 -26.57 -9.82
CA PHE A 86 -24.63 -25.71 -8.66
C PHE A 86 -23.76 -24.50 -8.96
N GLN A 87 -22.63 -24.71 -9.67
CA GLN A 87 -21.75 -23.59 -9.99
C GLN A 87 -22.49 -22.49 -10.74
N ASP A 88 -23.40 -22.87 -11.64
CA ASP A 88 -24.16 -21.91 -12.44
C ASP A 88 -25.06 -21.01 -11.59
N LYS A 89 -25.27 -21.34 -10.31
CA LYS A 89 -26.01 -20.44 -9.43
C LYS A 89 -25.19 -19.22 -9.03
N LEU A 90 -23.88 -19.26 -9.26
CA LEU A 90 -22.96 -18.20 -8.86
C LEU A 90 -22.29 -17.65 -10.10
N TYR A 91 -21.89 -16.38 -10.02
CA TYR A 91 -21.16 -15.78 -11.14
C TYR A 91 -19.86 -16.53 -11.36
N PRO A 92 -19.50 -16.83 -12.62
CA PRO A 92 -18.26 -17.58 -12.91
C PRO A 92 -17.00 -16.99 -12.30
N PHE A 93 -16.88 -15.67 -12.23
CA PHE A 93 -15.63 -15.10 -11.72
C PHE A 93 -15.44 -15.41 -10.24
N THR A 94 -16.51 -15.64 -9.50
CA THR A 94 -16.33 -15.95 -8.08
C THR A 94 -15.73 -17.34 -7.91
N TRP A 95 -16.05 -18.28 -8.80
CA TRP A 95 -15.40 -19.59 -8.77
C TRP A 95 -13.92 -19.48 -9.13
N ASP A 96 -13.59 -18.58 -10.07
CA ASP A 96 -12.18 -18.37 -10.41
C ASP A 96 -11.38 -17.97 -9.19
N ALA A 97 -11.95 -17.14 -8.33
CA ALA A 97 -11.23 -16.67 -7.14
C ALA A 97 -10.91 -17.79 -6.17
N VAL A 98 -11.66 -18.90 -6.17
CA VAL A 98 -11.42 -19.99 -5.24
C VAL A 98 -10.77 -21.19 -5.95
N ARG A 99 -10.17 -20.97 -7.12
CA ARG A 99 -9.42 -22.00 -7.81
CA ARG A 99 -9.42 -21.99 -7.84
C ARG A 99 -7.94 -21.86 -7.48
N TYR A 100 -7.31 -22.98 -7.12
CA TYR A 100 -5.90 -23.05 -6.77
C TYR A 100 -5.33 -24.33 -7.34
N ASN A 101 -4.30 -24.21 -8.18
CA ASN A 101 -3.69 -25.38 -8.83
C ASN A 101 -4.74 -26.19 -9.59
N GLY A 102 -5.69 -25.49 -10.22
CA GLY A 102 -6.76 -26.14 -10.94
C GLY A 102 -7.87 -26.73 -10.08
N LYS A 103 -7.78 -26.65 -8.76
CA LYS A 103 -8.77 -27.24 -7.85
C LYS A 103 -9.59 -26.16 -7.14
N LEU A 104 -10.90 -26.38 -7.04
CA LEU A 104 -11.74 -25.52 -6.23
C LEU A 104 -11.54 -25.86 -4.75
N ILE A 105 -11.34 -24.84 -3.92
CA ILE A 105 -10.96 -25.07 -2.54
C ILE A 105 -11.86 -24.31 -1.57
N ALA A 106 -12.97 -23.75 -2.06
CA ALA A 106 -13.90 -23.04 -1.19
C ALA A 106 -15.20 -22.74 -1.95
N TYR A 107 -16.25 -22.42 -1.19
CA TYR A 107 -17.49 -21.92 -1.77
C TYR A 107 -17.50 -20.40 -1.75
N PRO A 108 -17.69 -19.72 -2.88
CA PRO A 108 -17.79 -18.25 -2.87
C PRO A 108 -19.09 -17.81 -2.21
N ILE A 109 -19.03 -16.70 -1.46
CA ILE A 109 -20.20 -16.17 -0.74
C ILE A 109 -20.53 -14.75 -1.18
N ALA A 110 -19.59 -13.83 -0.98
CA ALA A 110 -19.87 -12.42 -1.20
C ALA A 110 -18.72 -11.79 -1.99
N VAL A 111 -18.98 -10.62 -2.55
CA VAL A 111 -18.04 -9.91 -3.42
C VAL A 111 -17.78 -8.54 -2.81
N GLU A 112 -16.51 -8.25 -2.55
CA GLU A 112 -16.10 -7.05 -1.84
C GLU A 112 -15.14 -6.26 -2.70
N ALA A 113 -15.47 -5.00 -2.94
CA ALA A 113 -14.64 -4.09 -3.70
C ALA A 113 -14.86 -2.70 -3.14
N LEU A 114 -13.84 -1.85 -3.30
CA LEU A 114 -13.96 -0.45 -2.89
C LEU A 114 -14.90 0.30 -3.83
N SER A 115 -15.62 1.27 -3.28
CA SER A 115 -16.40 2.21 -4.07
C SER A 115 -16.09 3.64 -3.65
N LEU A 116 -16.57 4.58 -4.47
CA LEU A 116 -16.55 6.00 -4.12
C LEU A 116 -17.76 6.33 -3.25
N ILE A 117 -17.51 6.79 -2.03
CA ILE A 117 -18.56 7.21 -1.11
C ILE A 117 -18.50 8.73 -1.04
N TYR A 118 -19.64 9.38 -1.29
CA TYR A 118 -19.66 10.84 -1.36
C TYR A 118 -20.78 11.40 -0.50
N ASN A 119 -20.58 12.63 -0.02
CA ASN A 119 -21.54 13.35 0.81
C ASN A 119 -22.50 14.09 -0.11
N LYS A 120 -23.75 13.61 -0.20
CA LYS A 120 -24.70 14.18 -1.14
C LYS A 120 -25.00 15.65 -0.84
N ASP A 121 -24.86 16.07 0.42
CA ASP A 121 -25.12 17.47 0.74
C ASP A 121 -23.98 18.38 0.30
N LEU A 122 -22.73 17.91 0.36
CA LEU A 122 -21.62 18.71 -0.15
C LEU A 122 -21.43 18.55 -1.66
N LEU A 123 -21.90 17.44 -2.23
CA LEU A 123 -21.56 17.08 -3.60
C LEU A 123 -22.69 16.24 -4.18
N PRO A 124 -23.78 16.88 -4.63
CA PRO A 124 -24.88 16.08 -5.22
C PRO A 124 -24.48 15.31 -6.46
N ASN A 125 -23.47 15.78 -7.19
CA ASN A 125 -23.04 15.12 -8.43
C ASN A 125 -21.56 14.75 -8.35
N PRO A 126 -21.25 13.51 -7.99
CA PRO A 126 -19.84 13.13 -7.77
C PRO A 126 -19.08 13.07 -9.08
N PRO A 127 -17.75 13.25 -9.02
CA PRO A 127 -16.97 13.36 -10.26
C PRO A 127 -16.86 12.03 -10.99
N LYS A 128 -16.91 12.10 -12.32
CA LYS A 128 -16.72 10.91 -13.12
CA LYS A 128 -16.72 10.90 -13.11
C LYS A 128 -15.25 10.56 -13.29
N THR A 129 -14.34 11.54 -13.18
CA THR A 129 -12.91 11.33 -13.42
C THR A 129 -12.08 11.76 -12.21
N TRP A 130 -10.91 11.14 -12.10
CA TRP A 130 -9.91 11.58 -11.13
C TRP A 130 -9.39 12.98 -11.47
N GLU A 131 -9.22 13.27 -12.75
CA GLU A 131 -8.59 14.52 -13.19
C GLU A 131 -9.38 15.75 -12.72
N GLU A 132 -10.68 15.64 -12.54
CA GLU A 132 -11.41 16.83 -12.12
C GLU A 132 -11.39 17.04 -10.61
N ILE A 133 -10.79 16.14 -9.84
CA ILE A 133 -10.84 16.26 -8.39
C ILE A 133 -9.99 17.42 -7.85
N PRO A 134 -8.84 17.76 -8.45
CA PRO A 134 -8.16 19.00 -7.99
C PRO A 134 -9.05 20.25 -8.07
N ALA A 135 -9.76 20.47 -9.18
CA ALA A 135 -10.64 21.64 -9.28
C ALA A 135 -11.76 21.56 -8.25
N LEU A 136 -12.30 20.37 -8.02
CA LEU A 136 -13.32 20.22 -6.99
C LEU A 136 -12.79 20.58 -5.61
N ASP A 137 -11.57 20.15 -5.31
CA ASP A 137 -10.97 20.46 -4.02
C ASP A 137 -10.72 21.96 -3.85
N LYS A 138 -10.38 22.65 -4.94
CA LYS A 138 -10.22 24.11 -4.87
C LYS A 138 -11.50 24.76 -4.38
N GLU A 139 -12.64 24.38 -4.98
CA GLU A 139 -13.93 24.94 -4.59
C GLU A 139 -14.24 24.63 -3.13
N LEU A 140 -14.07 23.37 -2.72
CA LEU A 140 -14.46 22.97 -1.37
C LEU A 140 -13.52 23.55 -0.32
N LYS A 141 -12.22 23.67 -0.63
CA LYS A 141 -11.31 24.32 0.30
C LYS A 141 -11.72 25.77 0.55
N ALA A 142 -12.25 26.44 -0.47
CA ALA A 142 -12.75 27.79 -0.31
C ALA A 142 -13.90 27.88 0.68
N LYS A 143 -14.55 26.75 0.98
CA LYS A 143 -15.63 26.70 1.96
C LYS A 143 -15.23 25.92 3.21
N GLY A 144 -13.94 25.75 3.45
CA GLY A 144 -13.49 25.05 4.64
C GLY A 144 -13.63 23.55 4.62
N LYS A 145 -13.96 22.95 3.48
CA LYS A 145 -14.05 21.50 3.33
C LYS A 145 -12.95 21.00 2.40
N SER A 146 -12.84 19.68 2.28
CA SER A 146 -11.94 19.11 1.28
C SER A 146 -12.73 18.18 0.37
N ALA A 147 -12.16 17.88 -0.79
CA ALA A 147 -12.86 17.02 -1.74
C ALA A 147 -12.77 15.55 -1.35
N LEU A 148 -11.58 15.07 -0.97
CA LEU A 148 -11.34 13.64 -0.91
C LEU A 148 -10.33 13.28 0.18
N MET A 149 -10.71 12.37 1.07
CA MET A 149 -9.79 11.78 2.04
C MET A 149 -10.00 10.28 2.07
N PHE A 150 -8.91 9.54 1.99
CA PHE A 150 -8.96 8.09 2.13
C PHE A 150 -7.60 7.59 2.58
N ASN A 151 -7.57 6.34 3.00
CA ASN A 151 -6.36 5.74 3.56
C ASN A 151 -5.19 5.69 2.57
N LEU A 152 -4.14 6.49 2.81
CA LEU A 152 -2.94 6.47 1.99
C LEU A 152 -1.83 5.59 2.55
N GLN A 153 -2.09 4.91 3.66
CA GLN A 153 -1.08 4.08 4.30
C GLN A 153 -1.07 2.65 3.82
N GLU A 154 -2.20 2.15 3.30
CA GLU A 154 -2.31 0.78 2.87
C GLU A 154 -2.54 0.72 1.36
N PRO A 155 -1.70 0.00 0.62
CA PRO A 155 -1.80 0.01 -0.85
C PRO A 155 -3.11 -0.55 -1.38
N TYR A 156 -3.81 -1.37 -0.60
CA TYR A 156 -5.14 -1.83 -1.01
C TYR A 156 -6.01 -0.64 -1.46
N PHE A 157 -5.88 0.50 -0.80
CA PHE A 157 -6.75 1.64 -1.06
C PHE A 157 -6.27 2.53 -2.21
N THR A 158 -4.97 2.55 -2.50
CA THR A 158 -4.45 3.33 -3.61
C THR A 158 -4.35 2.53 -4.89
N TRP A 159 -4.39 1.19 -4.79
CA TRP A 159 -4.36 0.36 -5.99
C TRP A 159 -5.40 0.70 -7.06
N PRO A 160 -6.65 1.08 -6.74
CA PRO A 160 -7.62 1.30 -7.83
C PRO A 160 -7.13 2.33 -8.82
N LEU A 161 -6.47 3.38 -8.32
CA LEU A 161 -5.90 4.40 -9.19
C LEU A 161 -4.63 3.90 -9.89
N ILE A 162 -3.78 3.18 -9.16
CA ILE A 162 -2.50 2.75 -9.72
C ILE A 162 -2.73 1.74 -10.83
N ALA A 163 -3.67 0.83 -10.64
CA ALA A 163 -3.94 -0.18 -11.65
C ALA A 163 -4.79 0.32 -12.81
N ALA A 164 -5.42 1.50 -12.68
CA ALA A 164 -6.38 1.96 -13.68
C ALA A 164 -5.83 1.91 -15.10
N ASP A 165 -4.68 2.53 -15.32
CA ASP A 165 -4.11 2.65 -16.67
C ASP A 165 -3.23 1.46 -17.06
N GLY A 166 -3.25 0.36 -16.32
CA GLY A 166 -2.51 -0.81 -16.77
C GLY A 166 -1.67 -1.52 -15.73
N GLY A 167 -1.66 -1.07 -14.48
CA GLY A 167 -0.98 -1.81 -13.44
C GLY A 167 -1.68 -3.11 -13.10
N TYR A 168 -0.93 -4.07 -12.60
CA TYR A 168 -1.52 -5.33 -12.14
C TYR A 168 -0.54 -5.99 -11.18
N ALA A 169 -1.06 -6.91 -10.38
CA ALA A 169 -0.24 -7.57 -9.37
C ALA A 169 0.55 -8.71 -10.03
N PHE A 170 -0.09 -9.84 -10.28
CA PHE A 170 0.53 -10.96 -10.98
C PHE A 170 -0.27 -11.29 -12.24
N LYS A 171 0.44 -11.57 -13.32
CA LYS A 171 -0.21 -11.91 -14.57
C LYS A 171 -0.79 -13.31 -14.51
N TYR A 172 -2.05 -13.46 -14.93
CA TYR A 172 -2.72 -14.75 -14.99
C TYR A 172 -2.79 -15.19 -16.44
N ALA A 173 -2.34 -16.41 -16.73
CA ALA A 173 -2.46 -16.94 -18.07
C ALA A 173 -2.47 -18.47 -18.00
N ALA A 174 -3.36 -19.09 -18.77
CA ALA A 174 -3.46 -20.55 -18.85
C ALA A 174 -3.68 -21.16 -17.46
N GLY A 175 -4.66 -20.62 -16.75
CA GLY A 175 -5.05 -21.17 -15.46
C GLY A 175 -4.01 -21.09 -14.37
N LYS A 176 -3.08 -20.15 -14.46
CA LYS A 176 -1.99 -20.07 -13.49
C LYS A 176 -1.47 -18.63 -13.41
N TYR A 177 -1.11 -18.21 -12.20
CA TYR A 177 -0.39 -16.96 -12.03
C TYR A 177 1.09 -17.18 -12.32
N ASP A 178 1.65 -16.30 -13.15
CA ASP A 178 3.09 -16.27 -13.38
C ASP A 178 3.72 -15.43 -12.27
N ILE A 179 4.40 -16.09 -11.33
CA ILE A 179 4.95 -15.39 -10.17
C ILE A 179 6.09 -14.45 -10.50
N LYS A 180 6.63 -14.49 -11.72
CA LYS A 180 7.68 -13.59 -12.12
C LYS A 180 7.19 -12.43 -12.98
N ASP A 181 5.91 -12.42 -13.36
CA ASP A 181 5.34 -11.35 -14.19
C ASP A 181 4.51 -10.45 -13.28
N VAL A 182 5.17 -9.47 -12.67
CA VAL A 182 4.52 -8.47 -11.84
C VAL A 182 4.31 -7.22 -12.68
N GLY A 183 3.21 -6.52 -12.43
CA GLY A 183 2.92 -5.32 -13.21
C GLY A 183 2.87 -4.05 -12.40
N VAL A 184 3.81 -3.86 -11.47
CA VAL A 184 3.80 -2.64 -10.66
C VAL A 184 4.70 -1.54 -11.20
N ASP A 185 5.64 -1.85 -12.09
CA ASP A 185 6.47 -0.76 -12.62
C ASP A 185 6.28 -0.56 -14.13
N ASN A 186 5.12 -0.90 -14.65
CA ASN A 186 4.86 -0.61 -16.06
C ASN A 186 4.34 0.82 -16.21
N ALA A 187 4.11 1.24 -17.46
CA ALA A 187 3.71 2.63 -17.72
C ALA A 187 2.40 2.97 -17.03
N GLY A 188 1.46 2.01 -17.00
CA GLY A 188 0.18 2.26 -16.38
C GLY A 188 0.28 2.50 -14.88
N ALA A 189 1.03 1.65 -14.19
CA ALA A 189 1.22 1.87 -12.75
C ALA A 189 1.93 3.20 -12.49
N LYS A 190 2.97 3.51 -13.28
CA LYS A 190 3.68 4.78 -13.11
CA LYS A 190 3.67 4.78 -13.09
C LYS A 190 2.74 5.97 -13.27
N ALA A 191 1.88 5.91 -14.28
CA ALA A 191 0.95 7.01 -14.54
C ALA A 191 0.00 7.21 -13.36
N GLY A 192 -0.52 6.12 -12.79
CA GLY A 192 -1.48 6.25 -11.71
C GLY A 192 -0.84 6.79 -10.43
N LEU A 193 0.32 6.24 -10.05
CA LEU A 193 0.99 6.73 -8.85
C LEU A 193 1.50 8.16 -9.04
N THR A 194 1.95 8.50 -10.24
CA THR A 194 2.34 9.89 -10.52
C THR A 194 1.18 10.85 -10.25
N PHE A 195 -0.03 10.49 -10.70
CA PHE A 195 -1.18 11.34 -10.41
C PHE A 195 -1.46 11.42 -8.91
N LEU A 196 -1.30 10.31 -8.19
CA LEU A 196 -1.53 10.36 -6.75
C LEU A 196 -0.55 11.30 -6.07
N VAL A 197 0.73 11.22 -6.46
CA VAL A 197 1.75 12.11 -5.91
C VAL A 197 1.42 13.56 -6.22
N ASP A 198 0.95 13.84 -7.43
CA ASP A 198 0.58 15.22 -7.76
C ASP A 198 -0.49 15.75 -6.81
N LEU A 199 -1.48 14.90 -6.48
CA LEU A 199 -2.53 15.30 -5.53
C LEU A 199 -1.93 15.66 -4.18
N ILE A 200 -0.92 14.92 -3.75
CA ILE A 200 -0.34 15.15 -2.43
C ILE A 200 0.61 16.35 -2.45
N LYS A 201 1.53 16.40 -3.42
CA LYS A 201 2.49 17.50 -3.43
C LYS A 201 1.81 18.85 -3.67
N ASN A 202 0.68 18.86 -4.36
CA ASN A 202 -0.07 20.09 -4.54
C ASN A 202 -1.02 20.39 -3.38
N LYS A 203 -1.05 19.55 -2.34
CA LYS A 203 -1.79 19.74 -1.08
C LYS A 203 -3.27 19.44 -1.19
N HIS A 204 -3.70 18.66 -2.19
CA HIS A 204 -5.08 18.21 -2.20
C HIS A 204 -5.31 17.09 -1.18
N MET A 205 -4.26 16.33 -0.86
CA MET A 205 -4.33 15.31 0.17
C MET A 205 -3.07 15.35 1.01
N ASN A 206 -3.12 14.70 2.16
CA ASN A 206 -2.04 14.65 3.12
C ASN A 206 -1.53 13.21 3.21
N ALA A 207 -0.23 13.02 2.97
CA ALA A 207 0.36 11.68 2.99
C ALA A 207 0.14 10.94 4.31
N ASP A 208 -0.17 11.64 5.40
CA ASP A 208 -0.35 11.00 6.70
C ASP A 208 -1.79 10.54 6.97
N THR A 209 -2.72 10.74 6.03
CA THR A 209 -4.08 10.28 6.22
C THR A 209 -4.14 8.75 6.26
N ASP A 210 -4.62 8.20 7.37
CA ASP A 210 -4.79 6.76 7.49
C ASP A 210 -6.28 6.43 7.51
N TYR A 211 -6.60 5.18 7.86
CA TYR A 211 -7.99 4.73 7.80
C TYR A 211 -8.87 5.51 8.78
N SER A 212 -8.43 5.63 10.04
CA SER A 212 -9.24 6.31 11.07
C SER A 212 -9.42 7.78 10.76
N ILE A 213 -8.36 8.45 10.31
CA ILE A 213 -8.45 9.88 10.02
C ILE A 213 -9.45 10.13 8.89
N ALA A 214 -9.41 9.30 7.83
CA ALA A 214 -10.30 9.53 6.69
C ALA A 214 -11.75 9.27 7.08
N GLU A 215 -12.00 8.20 7.84
CA GLU A 215 -13.37 7.85 8.22
C GLU A 215 -13.99 8.92 9.11
N ALA A 216 -13.23 9.38 10.11
CA ALA A 216 -13.71 10.46 10.99
C ALA A 216 -14.02 11.72 10.21
N ALA A 217 -13.14 12.12 9.27
CA ALA A 217 -13.39 13.34 8.51
C ALA A 217 -14.63 13.22 7.63
N PHE A 218 -14.82 12.06 6.98
CA PHE A 218 -16.00 11.91 6.15
C PHE A 218 -17.26 11.86 7.01
N ASN A 219 -17.21 11.10 8.11
CA ASN A 219 -18.40 10.88 8.91
C ASN A 219 -18.77 12.11 9.73
N LYS A 220 -17.89 13.12 9.80
CA LYS A 220 -18.15 14.40 10.44
C LYS A 220 -18.48 15.50 9.43
N GLY A 221 -18.65 15.15 8.15
CA GLY A 221 -18.98 16.16 7.17
C GLY A 221 -17.85 17.09 6.78
N GLU A 222 -16.60 16.74 7.10
CA GLU A 222 -15.46 17.60 6.75
C GLU A 222 -14.90 17.36 5.35
N THR A 223 -15.21 16.24 4.71
CA THR A 223 -14.70 15.96 3.38
C THR A 223 -15.84 15.41 2.53
N ALA A 224 -15.88 15.81 1.26
CA ALA A 224 -17.00 15.43 0.41
C ALA A 224 -16.95 13.99 -0.04
N MET A 225 -15.77 13.37 -0.07
CA MET A 225 -15.66 12.03 -0.61
C MET A 225 -14.69 11.20 0.21
N THR A 226 -14.93 9.90 0.21
CA THR A 226 -13.96 8.94 0.70
C THR A 226 -13.99 7.73 -0.22
N ILE A 227 -13.05 6.83 0.00
CA ILE A 227 -12.97 5.59 -0.77
C ILE A 227 -12.96 4.47 0.25
N ASN A 228 -13.97 3.60 0.19
CA ASN A 228 -14.08 2.59 1.23
C ASN A 228 -15.02 1.49 0.77
N GLY A 229 -15.12 0.45 1.61
CA GLY A 229 -15.85 -0.75 1.26
C GLY A 229 -17.11 -0.92 2.09
N PRO A 230 -17.85 -1.98 1.82
CA PRO A 230 -19.15 -2.14 2.51
C PRO A 230 -19.03 -2.27 4.02
N TRP A 231 -17.88 -2.75 4.51
CA TRP A 231 -17.65 -2.83 5.96
C TRP A 231 -17.75 -1.48 6.66
N ALA A 232 -17.66 -0.37 5.91
CA ALA A 232 -17.69 0.95 6.51
C ALA A 232 -19.07 1.57 6.53
N TRP A 233 -20.04 0.98 5.83
CA TRP A 233 -21.34 1.63 5.69
C TRP A 233 -22.02 1.83 7.05
N SER A 234 -21.86 0.87 7.97
CA SER A 234 -22.57 0.96 9.24
C SER A 234 -22.18 2.20 10.01
N ASN A 235 -20.87 2.45 10.12
CA ASN A 235 -20.43 3.66 10.83
C ASN A 235 -20.92 4.92 10.14
N ILE A 236 -21.05 4.91 8.81
CA ILE A 236 -21.57 6.09 8.15
C ILE A 236 -23.06 6.23 8.44
N ASP A 237 -23.79 5.10 8.42
CA ASP A 237 -25.21 5.11 8.79
C ASP A 237 -25.41 5.77 10.15
N THR A 238 -24.57 5.40 11.12
CA THR A 238 -24.64 6.02 12.44
C THR A 238 -24.37 7.52 12.38
N SER A 239 -23.43 7.94 11.54
CA SER A 239 -23.09 9.35 11.47
C SER A 239 -24.22 10.20 10.91
N ALA A 240 -25.19 9.57 10.24
CA ALA A 240 -26.33 10.25 9.61
C ALA A 240 -25.90 11.23 8.50
N VAL A 241 -24.65 11.17 8.04
CA VAL A 241 -24.27 11.84 6.81
C VAL A 241 -25.14 11.30 5.68
N ASN A 242 -25.65 12.18 4.83
CA ASN A 242 -26.47 11.72 3.71
C ASN A 242 -25.53 11.37 2.55
N TYR A 243 -25.28 10.07 2.37
CA TYR A 243 -24.19 9.64 1.52
C TYR A 243 -24.69 8.76 0.39
N GLY A 244 -23.94 8.77 -0.71
CA GLY A 244 -24.13 7.84 -1.79
C GLY A 244 -22.87 7.00 -1.99
N VAL A 245 -23.03 5.91 -2.74
CA VAL A 245 -21.97 4.98 -3.10
C VAL A 245 -22.07 4.77 -4.60
N THR A 246 -20.97 5.00 -5.33
CA THR A 246 -21.01 5.02 -6.78
CA THR A 246 -21.05 4.92 -6.78
C THR A 246 -19.73 4.41 -7.35
N VAL A 247 -19.71 4.29 -8.67
CA VAL A 247 -18.54 3.81 -9.40
C VAL A 247 -17.37 4.76 -9.12
N LEU A 248 -16.16 4.19 -9.09
CA LEU A 248 -14.98 5.00 -8.83
C LEU A 248 -14.68 5.88 -10.03
N PRO A 249 -14.01 7.02 -9.83
CA PRO A 249 -13.66 7.87 -10.98
C PRO A 249 -12.78 7.12 -11.97
N THR A 250 -12.85 7.53 -13.23
CA THR A 250 -11.90 7.00 -14.20
C THR A 250 -10.58 7.79 -14.16
N PHE A 251 -9.55 7.21 -14.75
CA PHE A 251 -8.26 7.87 -14.88
C PHE A 251 -7.78 7.63 -16.31
N LYS A 252 -7.45 8.71 -17.02
CA LYS A 252 -7.16 8.63 -18.47
C LYS A 252 -8.28 7.88 -19.18
N GLY A 253 -9.52 8.13 -18.75
CA GLY A 253 -10.67 7.45 -19.31
C GLY A 253 -10.82 5.98 -18.97
N GLN A 254 -9.87 5.39 -18.23
CA GLN A 254 -9.93 3.98 -17.85
C GLN A 254 -10.60 3.83 -16.48
N PRO A 255 -11.41 2.79 -16.30
CA PRO A 255 -12.00 2.55 -14.97
C PRO A 255 -10.93 2.38 -13.91
N SER A 256 -11.19 2.93 -12.72
CA SER A 256 -10.41 2.51 -11.55
C SER A 256 -10.57 1.01 -11.38
N LYS A 257 -9.50 0.33 -10.97
CA LYS A 257 -9.45 -1.13 -10.95
C LYS A 257 -9.18 -1.60 -9.53
N PRO A 258 -10.20 -1.63 -8.68
CA PRO A 258 -9.97 -2.06 -7.30
C PRO A 258 -9.66 -3.55 -7.23
N PHE A 259 -8.94 -3.93 -6.20
CA PHE A 259 -8.85 -5.34 -5.88
C PHE A 259 -10.23 -5.89 -5.50
N VAL A 260 -10.45 -7.15 -5.86
CA VAL A 260 -11.72 -7.82 -5.58
C VAL A 260 -11.45 -8.97 -4.62
N GLY A 261 -12.15 -8.96 -3.49
CA GLY A 261 -12.08 -10.04 -2.53
C GLY A 261 -13.40 -10.80 -2.51
N VAL A 262 -13.32 -12.12 -2.61
CA VAL A 262 -14.49 -12.99 -2.57
C VAL A 262 -14.52 -13.65 -1.20
N LEU A 263 -15.42 -13.20 -0.35
CA LEU A 263 -15.60 -13.85 0.93
C LEU A 263 -16.05 -15.28 0.66
N SER A 264 -15.30 -16.26 1.17
CA SER A 264 -15.44 -17.64 0.76
C SER A 264 -15.43 -18.56 1.98
N ALA A 265 -16.03 -19.73 1.81
CA ALA A 265 -16.19 -20.70 2.89
C ALA A 265 -15.38 -21.93 2.50
N GLY A 266 -14.27 -22.15 3.21
CA GLY A 266 -13.42 -23.30 3.00
C GLY A 266 -13.70 -24.37 4.04
N ILE A 267 -13.55 -25.62 3.61
CA ILE A 267 -13.76 -26.78 4.48
C ILE A 267 -12.38 -27.29 4.92
N ASN A 268 -12.17 -27.32 6.24
CA ASN A 268 -10.95 -27.85 6.83
C ASN A 268 -10.66 -29.25 6.29
N ALA A 269 -9.44 -29.43 5.77
CA ALA A 269 -9.02 -30.75 5.29
C ALA A 269 -9.09 -31.81 6.39
N ALA A 270 -8.97 -31.41 7.65
CA ALA A 270 -9.05 -32.32 8.79
C ALA A 270 -10.48 -32.55 9.27
N SER A 271 -11.46 -31.88 8.69
CA SER A 271 -12.82 -32.02 9.19
C SER A 271 -13.30 -33.46 8.96
N PRO A 272 -13.96 -34.07 9.94
CA PRO A 272 -14.67 -35.34 9.71
C PRO A 272 -16.10 -35.16 9.23
N ASN A 273 -16.50 -33.93 8.94
CA ASN A 273 -17.87 -33.55 8.60
C ASN A 273 -17.95 -32.86 7.25
N LYS A 274 -17.12 -33.29 6.30
CA LYS A 274 -17.02 -32.59 5.02
C LYS A 274 -18.32 -32.68 4.24
N GLU A 275 -18.95 -33.86 4.19
CA GLU A 275 -20.22 -33.98 3.50
C GLU A 275 -21.29 -33.13 4.18
N LEU A 276 -21.26 -33.04 5.52
CA LEU A 276 -22.23 -32.21 6.22
C LEU A 276 -21.99 -30.74 5.93
N ALA A 277 -20.72 -30.30 5.94
CA ALA A 277 -20.39 -28.94 5.60
C ALA A 277 -20.86 -28.58 4.20
N LYS A 278 -20.70 -29.51 3.25
CA LYS A 278 -21.14 -29.22 1.88
C LYS A 278 -22.65 -29.09 1.81
N GLU A 279 -23.37 -29.96 2.52
CA GLU A 279 -24.83 -29.84 2.51
C GLU A 279 -25.26 -28.52 3.13
N PHE A 280 -24.64 -28.14 4.24
CA PHE A 280 -24.97 -26.85 4.86
C PHE A 280 -24.73 -25.71 3.89
N LEU A 281 -23.54 -25.67 3.29
CA LEU A 281 -23.19 -24.52 2.44
C LEU A 281 -24.04 -24.49 1.17
N GLU A 282 -24.22 -25.64 0.51
CA GLU A 282 -24.93 -25.65 -0.76
C GLU A 282 -26.45 -25.49 -0.60
N ASN A 283 -27.05 -26.14 0.40
CA ASN A 283 -28.50 -26.17 0.49
C ASN A 283 -29.08 -25.18 1.50
N TYR A 284 -28.26 -24.64 2.40
CA TYR A 284 -28.77 -23.72 3.41
C TYR A 284 -28.19 -22.32 3.28
N LEU A 285 -26.86 -22.16 3.32
CA LEU A 285 -26.27 -20.83 3.24
C LEU A 285 -26.48 -20.20 1.86
N LEU A 286 -26.11 -20.92 0.79
CA LEU A 286 -26.12 -20.34 -0.55
C LEU A 286 -27.51 -20.41 -1.17
N THR A 287 -28.46 -19.82 -0.44
CA THR A 287 -29.84 -19.63 -0.85
C THR A 287 -30.21 -18.18 -0.60
N ASP A 288 -31.26 -17.71 -1.28
CA ASP A 288 -31.76 -16.36 -1.03
C ASP A 288 -32.00 -16.15 0.45
N GLU A 289 -32.67 -17.11 1.09
CA GLU A 289 -33.02 -17.00 2.51
C GLU A 289 -31.79 -17.04 3.40
N GLY A 290 -30.84 -17.92 3.09
CA GLY A 290 -29.61 -18.02 3.88
C GLY A 290 -28.77 -16.75 3.83
N LEU A 291 -28.50 -16.25 2.63
CA LEU A 291 -27.74 -15.01 2.51
C LEU A 291 -28.50 -13.83 3.05
N GLU A 292 -29.83 -13.81 2.91
CA GLU A 292 -30.60 -12.72 3.48
C GLU A 292 -30.43 -12.69 4.99
N ALA A 293 -30.40 -13.86 5.64
CA ALA A 293 -30.22 -13.90 7.08
C ALA A 293 -28.87 -13.32 7.48
N VAL A 294 -27.80 -13.67 6.74
CA VAL A 294 -26.48 -13.12 7.05
C VAL A 294 -26.43 -11.63 6.73
N ASN A 295 -26.98 -11.25 5.57
CA ASN A 295 -26.90 -9.86 5.13
C ASN A 295 -27.66 -8.93 6.09
N LYS A 296 -28.81 -9.40 6.61
CA LYS A 296 -29.55 -8.66 7.63
C LYS A 296 -28.66 -8.27 8.79
N ASP A 297 -27.83 -9.21 9.25
CA ASP A 297 -26.96 -8.98 10.40
C ASP A 297 -25.92 -7.91 10.10
N LYS A 298 -25.05 -8.17 9.12
CA LYS A 298 -24.09 -7.17 8.68
C LYS A 298 -24.00 -7.32 7.16
N PRO A 299 -24.08 -6.22 6.42
CA PRO A 299 -24.17 -6.31 4.96
C PRO A 299 -22.98 -7.02 4.35
N LEU A 300 -23.26 -7.91 3.40
CA LEU A 300 -22.23 -8.61 2.67
C LEU A 300 -21.68 -7.79 1.50
N GLY A 301 -22.32 -6.67 1.18
CA GLY A 301 -22.00 -5.98 -0.05
C GLY A 301 -22.71 -6.68 -1.18
N ALA A 302 -22.00 -6.92 -2.28
CA ALA A 302 -22.54 -7.75 -3.34
C ALA A 302 -22.30 -9.23 -3.02
N VAL A 303 -23.13 -10.11 -3.59
CA VAL A 303 -23.04 -11.54 -3.27
C VAL A 303 -22.81 -12.35 -4.55
N ALA A 304 -22.30 -13.57 -4.35
CA ALA A 304 -21.96 -14.42 -5.48
C ALA A 304 -23.17 -15.10 -6.09
N LEU A 305 -24.25 -15.28 -5.33
CA LEU A 305 -25.45 -15.98 -5.77
C LEU A 305 -26.27 -15.06 -6.67
N LYS A 306 -26.38 -15.43 -7.95
CA LYS A 306 -27.07 -14.61 -8.96
C LYS A 306 -28.46 -14.17 -8.51
N SER A 307 -29.27 -15.11 -8.05
CA SER A 307 -30.66 -14.78 -7.75
C SER A 307 -30.74 -13.73 -6.64
N TYR A 308 -29.93 -13.86 -5.59
CA TYR A 308 -30.03 -12.89 -4.51
C TYR A 308 -29.30 -11.59 -4.86
N GLU A 309 -28.26 -11.65 -5.69
CA GLU A 309 -27.57 -10.43 -6.08
C GLU A 309 -28.50 -9.51 -6.86
N GLU A 310 -29.40 -10.10 -7.64
CA GLU A 310 -30.33 -9.32 -8.44
C GLU A 310 -31.34 -8.59 -7.57
N GLU A 311 -31.70 -9.18 -6.44
CA GLU A 311 -32.52 -8.45 -5.49
C GLU A 311 -31.72 -7.35 -4.80
N LEU A 312 -30.54 -7.70 -4.28
CA LEU A 312 -29.73 -6.74 -3.53
C LEU A 312 -29.32 -5.54 -4.38
N ALA A 313 -29.07 -5.75 -5.67
CA ALA A 313 -28.62 -4.69 -6.56
C ALA A 313 -29.65 -3.59 -6.76
N LYS A 314 -30.90 -3.78 -6.32
CA LYS A 314 -31.85 -2.68 -6.29
C LYS A 314 -31.37 -1.54 -5.39
N ASP A 315 -30.60 -1.86 -4.37
CA ASP A 315 -29.87 -0.87 -3.58
C ASP A 315 -28.68 -0.38 -4.40
N PRO A 316 -28.60 0.92 -4.72
CA PRO A 316 -27.49 1.39 -5.56
C PRO A 316 -26.12 1.27 -4.92
N ARG A 317 -26.02 1.22 -3.60
CA ARG A 317 -24.73 0.96 -2.97
C ARG A 317 -24.20 -0.41 -3.36
N ILE A 318 -25.10 -1.37 -3.55
CA ILE A 318 -24.66 -2.72 -3.88
C ILE A 318 -24.42 -2.85 -5.37
N ALA A 319 -25.29 -2.25 -6.17
CA ALA A 319 -25.02 -2.17 -7.61
C ALA A 319 -23.66 -1.55 -7.86
N ALA A 320 -23.31 -0.49 -7.13
CA ALA A 320 -22.01 0.14 -7.31
C ALA A 320 -20.88 -0.78 -6.88
N THR A 321 -21.03 -1.46 -5.74
CA THR A 321 -20.01 -2.42 -5.33
C THR A 321 -19.76 -3.45 -6.43
N MET A 322 -20.84 -4.01 -7.00
CA MET A 322 -20.65 -5.02 -8.03
C MET A 322 -20.06 -4.41 -9.30
N GLU A 323 -20.47 -3.19 -9.65
CA GLU A 323 -19.90 -2.55 -10.84
C GLU A 323 -18.41 -2.29 -10.68
N ASN A 324 -18.00 -1.75 -9.52
CA ASN A 324 -16.57 -1.56 -9.29
C ASN A 324 -15.82 -2.89 -9.31
N ALA A 325 -16.44 -3.96 -8.78
CA ALA A 325 -15.83 -5.28 -8.82
C ALA A 325 -15.68 -5.79 -10.25
N GLN A 326 -16.67 -5.51 -11.10
CA GLN A 326 -16.55 -5.95 -12.50
C GLN A 326 -15.38 -5.29 -13.19
N LYS A 327 -15.07 -4.06 -12.82
CA LYS A 327 -13.98 -3.32 -13.43
C LYS A 327 -12.66 -3.50 -12.68
N GLY A 328 -12.62 -4.38 -11.67
CA GLY A 328 -11.47 -4.52 -10.81
C GLY A 328 -10.58 -5.69 -11.20
N GLU A 329 -9.81 -6.18 -10.23
CA GLU A 329 -8.85 -7.25 -10.46
C GLU A 329 -8.97 -8.19 -9.27
N ILE A 330 -9.27 -9.46 -9.54
CA ILE A 330 -9.33 -10.45 -8.47
C ILE A 330 -7.97 -10.52 -7.81
N MET A 331 -7.95 -10.42 -6.48
CA MET A 331 -6.71 -10.55 -5.76
C MET A 331 -6.10 -11.91 -6.04
N PRO A 332 -4.86 -11.99 -6.53
CA PRO A 332 -4.22 -13.31 -6.66
C PRO A 332 -4.18 -14.01 -5.31
N ASN A 333 -4.37 -15.32 -5.34
CA ASN A 333 -4.40 -16.11 -4.11
C ASN A 333 -3.09 -16.84 -3.85
N ILE A 334 -1.98 -16.35 -4.41
CA ILE A 334 -0.73 -17.09 -4.32
C ILE A 334 0.05 -16.55 -3.12
N PRO A 335 0.95 -17.37 -2.54
CA PRO A 335 1.71 -16.89 -1.36
C PRO A 335 2.65 -15.74 -1.67
N GLN A 336 3.06 -15.57 -2.92
CA GLN A 336 3.95 -14.46 -3.27
C GLN A 336 3.28 -13.10 -3.08
N MET A 337 1.95 -13.07 -2.85
CA MET A 337 1.28 -11.81 -2.59
C MET A 337 1.76 -11.16 -1.30
N SER A 338 2.31 -11.93 -0.35
CA SER A 338 2.81 -11.27 0.85
C SER A 338 3.98 -10.34 0.51
N ALA A 339 4.88 -10.80 -0.37
CA ALA A 339 5.95 -9.94 -0.88
C ALA A 339 5.38 -8.75 -1.64
N PHE A 340 4.33 -8.97 -2.44
CA PHE A 340 3.71 -7.86 -3.19
C PHE A 340 3.18 -6.78 -2.25
N TRP A 341 2.45 -7.18 -1.21
CA TRP A 341 1.84 -6.18 -0.32
C TRP A 341 2.90 -5.36 0.39
N TYR A 342 3.97 -6.01 0.87
CA TYR A 342 5.07 -5.29 1.51
CA TYR A 342 5.04 -5.26 1.52
C TYR A 342 5.77 -4.36 0.53
N ALA A 343 6.07 -4.87 -0.67
CA ALA A 343 6.80 -4.09 -1.65
C ALA A 343 6.03 -2.84 -2.08
N VAL A 344 4.73 -2.98 -2.33
CA VAL A 344 3.93 -1.88 -2.86
C VAL A 344 3.53 -0.91 -1.76
N ARG A 345 3.35 -1.43 -0.54
CA ARG A 345 3.14 -0.56 0.61
C ARG A 345 4.31 0.40 0.77
N THR A 346 5.55 -0.13 0.71
CA THR A 346 6.72 0.74 0.82
C THR A 346 6.80 1.73 -0.32
N ALA A 347 6.55 1.28 -1.55
CA ALA A 347 6.62 2.15 -2.71
C ALA A 347 5.64 3.32 -2.59
N VAL A 348 4.40 3.04 -2.19
CA VAL A 348 3.41 4.10 -2.14
C VAL A 348 3.73 5.07 -0.99
N ILE A 349 4.17 4.54 0.16
CA ILE A 349 4.52 5.42 1.28
C ILE A 349 5.70 6.31 0.93
N ASN A 350 6.71 5.74 0.26
CA ASN A 350 7.88 6.52 -0.12
C ASN A 350 7.54 7.56 -1.18
N ALA A 351 6.70 7.19 -2.16
CA ALA A 351 6.32 8.15 -3.19
C ALA A 351 5.44 9.25 -2.61
N ALA A 352 4.55 8.89 -1.69
CA ALA A 352 3.64 9.88 -1.11
C ALA A 352 4.36 10.83 -0.17
N SER A 353 5.51 10.41 0.38
CA SER A 353 6.29 11.28 1.26
C SER A 353 7.41 12.00 0.54
N GLY A 354 7.64 11.70 -0.74
CA GLY A 354 8.73 12.32 -1.47
C GLY A 354 10.09 11.71 -1.21
N ARG A 355 10.15 10.60 -0.46
CA ARG A 355 11.43 9.94 -0.20
C ARG A 355 12.01 9.31 -1.45
N GLN A 356 11.17 8.89 -2.39
CA GLN A 356 11.61 8.35 -3.66
C GLN A 356 10.76 8.94 -4.77
N THR A 357 11.34 9.06 -5.96
CA THR A 357 10.53 9.32 -7.14
C THR A 357 9.58 8.15 -7.40
N VAL A 358 8.56 8.42 -8.23
CA VAL A 358 7.61 7.38 -8.64
C VAL A 358 8.35 6.23 -9.32
N ASP A 359 9.23 6.55 -10.26
CA ASP A 359 9.90 5.51 -11.05
C ASP A 359 10.77 4.63 -10.16
N ALA A 360 11.57 5.24 -9.28
CA ALA A 360 12.43 4.46 -8.39
C ALA A 360 11.60 3.65 -7.39
N ALA A 361 10.56 4.25 -6.82
CA ALA A 361 9.72 3.53 -5.87
C ALA A 361 9.12 2.26 -6.51
N LEU A 362 8.59 2.38 -7.72
CA LEU A 362 7.95 1.24 -8.36
C LEU A 362 8.98 0.25 -8.91
N ALA A 363 10.15 0.72 -9.35
CA ALA A 363 11.18 -0.21 -9.78
C ALA A 363 11.63 -1.10 -8.63
N ALA A 364 11.83 -0.52 -7.44
CA ALA A 364 12.20 -1.31 -6.28
C ALA A 364 11.09 -2.30 -5.90
N ALA A 365 9.84 -1.84 -5.88
CA ALA A 365 8.73 -2.71 -5.51
C ALA A 365 8.58 -3.88 -6.48
N GLN A 366 8.76 -3.60 -7.76
CA GLN A 366 8.70 -4.63 -8.80
C GLN A 366 9.66 -5.79 -8.50
N THR A 367 10.92 -5.47 -8.20
CA THR A 367 11.89 -6.51 -7.92
C THR A 367 11.59 -7.21 -6.60
N ASN A 368 11.24 -6.44 -5.55
CA ASN A 368 10.86 -7.03 -4.28
C ASN A 368 9.72 -8.03 -4.44
N ALA A 369 8.73 -7.71 -5.26
CA ALA A 369 7.57 -8.58 -5.39
C ALA A 369 7.85 -9.77 -6.30
N ALA A 370 8.72 -9.63 -7.29
CA ALA A 370 8.89 -10.65 -8.31
C ALA A 370 10.09 -11.55 -8.11
N ALA A 371 10.98 -11.24 -7.16
CA ALA A 371 12.28 -11.91 -7.12
C ALA A 371 12.87 -11.99 -5.72
N GLY A 372 12.82 -10.87 -4.98
CA GLY A 372 13.39 -10.79 -3.65
C GLY A 372 13.98 -9.42 -3.41
N GLY A 373 14.60 -9.22 -2.25
CA GLY A 373 15.19 -7.94 -1.94
C GLY A 373 15.84 -7.95 -0.58
N PRO A 374 16.51 -6.86 -0.21
CA PRO A 374 17.18 -6.82 1.09
C PRO A 374 16.16 -6.95 2.21
N VAL A 375 16.61 -7.53 3.32
CA VAL A 375 15.75 -7.90 4.45
C VAL A 375 16.03 -6.99 5.64
N GLU A 376 14.98 -6.60 6.34
CA GLU A 376 15.12 -5.85 7.58
C GLU A 376 15.48 -6.79 8.71
N ILE A 377 16.56 -6.48 9.41
CA ILE A 377 16.92 -7.21 10.61
C ILE A 377 16.45 -6.46 11.84
N LEU A 378 16.81 -5.18 11.95
CA LEU A 378 16.33 -4.22 12.92
C LEU A 378 15.98 -2.95 12.15
N PRO A 379 15.25 -1.99 12.73
CA PRO A 379 14.80 -0.85 11.92
C PRO A 379 15.93 -0.07 11.29
N PHE A 380 17.16 -0.21 11.81
CA PHE A 380 18.31 0.49 11.28
C PHE A 380 19.33 -0.45 10.63
N LEU A 381 19.00 -1.74 10.50
CA LEU A 381 19.97 -2.73 10.04
C LEU A 381 19.33 -3.66 9.01
N TYR A 382 19.92 -3.71 7.81
CA TYR A 382 19.38 -4.49 6.70
C TYR A 382 20.47 -5.34 6.08
N LEU A 383 20.05 -6.47 5.50
CA LEU A 383 20.94 -7.52 5.03
C LEU A 383 20.58 -7.91 3.59
N GLY A 384 21.60 -8.09 2.75
CA GLY A 384 21.36 -8.49 1.38
C GLY A 384 22.64 -8.74 0.63
N SER A 385 22.52 -8.75 -0.70
CA SER A 385 23.58 -9.19 -1.61
C SER A 385 24.28 -8.00 -2.28
N ALA A 386 25.35 -8.34 -3.01
CA ALA A 386 26.01 -7.36 -3.86
C ALA A 386 25.10 -6.90 -5.00
N TYR A 387 24.20 -7.76 -5.48
CA TYR A 387 23.19 -7.29 -6.45
C TYR A 387 22.40 -6.13 -5.85
N HIS A 388 21.93 -6.30 -4.61
CA HIS A 388 21.15 -5.25 -3.95
C HIS A 388 21.98 -4.00 -3.77
N ALA A 389 23.28 -4.15 -3.49
CA ALA A 389 24.16 -3.00 -3.33
C ALA A 389 24.33 -2.24 -4.63
N SER A 390 24.00 -2.85 -5.77
CA SER A 390 24.01 -2.13 -7.04
C SER A 390 22.66 -1.49 -7.36
N ARG A 391 21.63 -1.69 -6.53
CA ARG A 391 20.28 -1.19 -6.82
C ARG A 391 19.97 0.01 -5.90
N LYS A 392 20.32 1.22 -6.36
CA LYS A 392 20.08 2.42 -5.58
C LYS A 392 18.61 2.59 -5.21
N ASP A 393 17.71 2.24 -6.14
CA ASP A 393 16.28 2.33 -5.86
C ASP A 393 15.87 1.40 -4.72
N MET A 394 16.48 0.21 -4.64
CA MET A 394 16.12 -0.71 -3.57
C MET A 394 16.72 -0.32 -2.23
N LEU A 395 17.90 0.32 -2.23
CA LEU A 395 18.47 0.81 -0.98
C LEU A 395 17.71 2.02 -0.47
N ASP A 396 17.42 2.98 -1.36
CA ASP A 396 16.62 4.16 -0.99
C ASP A 396 15.25 3.76 -0.47
N ALA A 397 14.64 2.71 -1.03
CA ALA A 397 13.32 2.27 -0.60
C ALA A 397 13.30 1.94 0.89
N LEU A 398 14.41 1.42 1.39
CA LEU A 398 14.55 1.07 2.79
C LEU A 398 15.07 2.23 3.63
N GLY A 399 15.35 3.38 3.02
CA GLY A 399 15.95 4.47 3.76
C GLY A 399 17.42 4.25 4.13
N ILE A 400 18.16 3.49 3.34
CA ILE A 400 19.56 3.23 3.65
C ILE A 400 20.36 4.53 3.56
N THR A 401 21.23 4.77 4.55
CA THR A 401 22.19 5.87 4.46
C THR A 401 23.64 5.40 4.47
N ALA A 402 23.90 4.12 4.73
CA ALA A 402 25.27 3.65 4.84
C ALA A 402 25.30 2.16 4.51
N LEU A 403 26.42 1.72 3.98
CA LEU A 403 26.65 0.32 3.65
C LEU A 403 27.91 -0.18 4.33
N ILE A 404 27.85 -1.40 4.83
CA ILE A 404 29.04 -2.18 5.13
C ILE A 404 29.21 -3.19 4.01
N ASN A 405 30.29 -3.01 3.24
CA ASN A 405 30.64 -3.91 2.16
C ASN A 405 31.57 -4.96 2.74
N VAL A 406 31.03 -6.14 3.05
CA VAL A 406 31.84 -7.20 3.66
C VAL A 406 32.37 -8.12 2.56
N SER A 407 33.45 -7.70 1.91
CA SER A 407 34.01 -8.47 0.79
C SER A 407 35.39 -7.90 0.49
N ALA A 408 36.14 -8.64 -0.32
CA ALA A 408 37.41 -8.15 -0.83
C ALA A 408 37.31 -7.56 -2.22
N ASN A 409 36.26 -7.90 -2.97
CA ASN A 409 36.14 -7.65 -4.40
C ASN A 409 34.98 -6.77 -4.80
N CYS A 410 33.93 -6.69 -3.99
CA CYS A 410 32.69 -6.08 -4.45
C CYS A 410 32.86 -4.56 -4.50
N PRO A 411 32.41 -3.91 -5.57
CA PRO A 411 32.58 -2.46 -5.69
C PRO A 411 31.62 -1.70 -4.78
N ASN A 412 31.99 -0.46 -4.51
CA ASN A 412 31.11 0.54 -3.91
C ASN A 412 30.53 1.39 -5.05
N HIS A 413 29.23 1.21 -5.32
CA HIS A 413 28.63 1.84 -6.50
C HIS A 413 28.22 3.29 -6.29
N PHE A 414 27.96 3.73 -5.07
CA PHE A 414 27.25 4.99 -4.85
C PHE A 414 27.94 5.86 -3.82
N GLU A 415 29.26 5.98 -3.89
CA GLU A 415 29.96 6.87 -2.98
C GLU A 415 29.52 8.31 -3.24
N GLY A 416 29.40 9.08 -2.17
CA GLY A 416 28.80 10.39 -2.26
C GLY A 416 27.29 10.40 -2.14
N HIS A 417 26.62 9.27 -2.28
CA HIS A 417 25.23 9.14 -1.84
C HIS A 417 25.11 8.46 -0.48
N TYR A 418 26.06 7.60 -0.13
CA TYR A 418 26.03 6.85 1.11
C TYR A 418 27.42 6.82 1.72
N GLN A 419 27.47 6.68 3.03
CA GLN A 419 28.72 6.40 3.72
CA GLN A 419 28.72 6.40 3.72
C GLN A 419 29.03 4.90 3.61
N TYR A 420 30.26 4.58 3.22
CA TYR A 420 30.68 3.20 3.05
C TYR A 420 31.68 2.81 4.13
N LYS A 421 31.57 1.57 4.59
CA LYS A 421 32.55 0.92 5.45
C LYS A 421 32.99 -0.37 4.80
N SER A 422 34.30 -0.57 4.67
CA SER A 422 34.85 -1.76 4.06
C SER A 422 35.27 -2.76 5.13
N ILE A 423 34.87 -4.02 4.96
CA ILE A 423 35.39 -5.11 5.77
C ILE A 423 35.95 -6.14 4.79
N PRO A 424 37.21 -6.03 4.43
CA PRO A 424 37.76 -6.85 3.32
C PRO A 424 38.17 -8.27 3.72
N VAL A 425 37.19 -9.18 3.75
CA VAL A 425 37.46 -10.58 4.04
C VAL A 425 36.90 -11.43 2.93
N GLU A 426 37.46 -12.63 2.79
CA GLU A 426 36.97 -13.62 1.84
C GLU A 426 35.97 -14.54 2.55
N ASP A 427 35.13 -15.20 1.76
CA ASP A 427 34.20 -16.18 2.31
C ASP A 427 34.85 -17.57 2.31
N ASN A 428 35.79 -17.78 3.23
CA ASN A 428 36.44 -19.09 3.33
C ASN A 428 36.83 -19.36 4.78
N HIS A 429 37.36 -20.56 5.01
CA HIS A 429 37.65 -21.03 6.35
C HIS A 429 38.88 -20.39 6.96
N LYS A 430 39.69 -19.69 6.18
CA LYS A 430 40.88 -19.05 6.72
C LYS A 430 40.62 -17.61 7.13
N ALA A 431 39.57 -16.99 6.61
CA ALA A 431 39.33 -15.57 6.87
C ALA A 431 39.06 -15.32 8.35
N ASP A 432 39.70 -14.32 8.91
CA ASP A 432 39.45 -13.93 10.30
C ASP A 432 38.42 -12.80 10.27
N ILE A 433 37.15 -13.15 10.38
CA ILE A 433 36.13 -12.12 10.37
C ILE A 433 35.83 -11.60 11.77
N SER A 434 36.04 -12.40 12.81
CA SER A 434 35.73 -11.96 14.17
C SER A 434 36.60 -10.79 14.62
N SER A 435 37.81 -10.66 14.07
CA SER A 435 38.60 -9.50 14.45
C SER A 435 38.09 -8.20 13.84
N TRP A 436 37.10 -8.27 12.95
CA TRP A 436 36.44 -7.07 12.44
C TRP A 436 35.14 -6.77 13.17
N PHE A 437 34.68 -7.67 14.06
CA PHE A 437 33.38 -7.53 14.69
C PHE A 437 33.21 -6.18 15.38
N ASN A 438 34.19 -5.79 16.22
CA ASN A 438 34.03 -4.56 17.00
C ASN A 438 33.94 -3.35 16.10
N GLU A 439 34.76 -3.32 15.05
CA GLU A 439 34.73 -2.19 14.13
C GLU A 439 33.39 -2.12 13.38
N ALA A 440 32.85 -3.27 12.97
CA ALA A 440 31.56 -3.28 12.30
C ALA A 440 30.45 -2.84 13.25
N ILE A 441 30.46 -3.35 14.48
CA ILE A 441 29.41 -3.03 15.44
C ILE A 441 29.46 -1.54 15.77
N ASP A 442 30.66 -1.01 15.96
CA ASP A 442 30.84 0.41 16.22
CA ASP A 442 30.79 0.41 16.24
C ASP A 442 30.28 1.25 15.06
N PHE A 443 30.47 0.79 13.83
CA PHE A 443 29.97 1.53 12.69
C PHE A 443 28.44 1.51 12.64
N ILE A 444 27.84 0.33 12.85
CA ILE A 444 26.38 0.22 12.86
C ILE A 444 25.78 1.16 13.90
N ASP A 445 26.31 1.13 15.13
CA ASP A 445 25.77 1.98 16.20
C ASP A 445 25.97 3.46 15.88
N SER A 446 27.12 3.81 15.30
CA SER A 446 27.36 5.20 14.91
C SER A 446 26.32 5.69 13.90
N ILE A 447 26.07 4.90 12.86
CA ILE A 447 25.04 5.28 11.89
C ILE A 447 23.67 5.32 12.55
N LYS A 448 23.38 4.34 13.40
CA LYS A 448 22.11 4.28 14.11
C LYS A 448 21.87 5.55 14.92
N ASN A 449 22.87 5.98 15.70
CA ASN A 449 22.68 7.11 16.60
C ASN A 449 22.69 8.44 15.87
N ALA A 450 23.16 8.47 14.62
CA ALA A 450 23.01 9.65 13.78
C ALA A 450 21.70 9.66 13.01
N GLY A 451 20.79 8.73 13.29
CA GLY A 451 19.52 8.64 12.58
C GLY A 451 19.56 7.94 11.23
N GLY A 452 20.63 7.22 10.89
CA GLY A 452 20.74 6.56 9.62
C GLY A 452 20.28 5.11 9.67
N ARG A 453 20.48 4.42 8.56
CA ARG A 453 20.22 2.98 8.48
C ARG A 453 21.32 2.34 7.66
N VAL A 454 21.78 1.18 8.10
CA VAL A 454 22.93 0.48 7.53
C VAL A 454 22.43 -0.70 6.73
N PHE A 455 22.96 -0.84 5.51
CA PHE A 455 22.77 -2.02 4.69
C PHE A 455 24.08 -2.82 4.71
N VAL A 456 24.03 -4.05 5.23
CA VAL A 456 25.21 -4.91 5.30
C VAL A 456 25.11 -5.93 4.17
N HIS A 457 26.16 -6.04 3.36
CA HIS A 457 26.10 -6.96 2.24
C HIS A 457 27.46 -7.61 2.03
N SER A 458 27.42 -8.79 1.41
CA SER A 458 28.60 -9.46 0.91
C SER A 458 28.33 -9.72 -0.58
N GLN A 459 28.88 -10.79 -1.15
CA GLN A 459 28.54 -11.15 -2.53
C GLN A 459 27.15 -11.77 -2.58
N ALA A 460 26.93 -12.82 -1.80
CA ALA A 460 25.67 -13.54 -1.80
C ALA A 460 24.72 -13.10 -0.69
N GLY A 461 25.20 -12.34 0.29
CA GLY A 461 24.37 -11.99 1.42
C GLY A 461 23.99 -13.16 2.31
N ILE A 462 24.80 -14.21 2.34
CA ILE A 462 24.45 -15.41 3.09
C ILE A 462 25.50 -15.82 4.12
N SER A 463 26.76 -15.37 3.99
CA SER A 463 27.82 -15.82 4.88
C SER A 463 28.51 -14.64 5.55
N ARG A 464 29.37 -13.90 4.84
CA ARG A 464 30.13 -12.83 5.47
C ARG A 464 29.21 -11.76 6.07
N SER A 465 28.22 -11.31 5.30
CA SER A 465 27.37 -10.23 5.79
C SER A 465 26.41 -10.72 6.87
N ALA A 466 25.91 -11.96 6.72
CA ALA A 466 25.04 -12.54 7.74
C ALA A 466 25.78 -12.70 9.07
N THR A 467 27.06 -13.08 8.99
CA THR A 467 27.89 -13.22 10.18
C THR A 467 28.01 -11.90 10.93
N ILE A 468 28.24 -10.80 10.21
CA ILE A 468 28.33 -9.48 10.85
C ILE A 468 27.02 -9.13 11.53
N CYS A 469 25.89 -9.42 10.88
CA CYS A 469 24.60 -9.11 11.49
C CYS A 469 24.36 -9.94 12.74
N LEU A 470 24.72 -11.23 12.68
CA LEU A 470 24.57 -12.10 13.84
C LEU A 470 25.42 -11.60 14.99
N ALA A 471 26.69 -11.27 14.73
CA ALA A 471 27.55 -10.71 15.77
C ALA A 471 26.95 -9.45 16.37
N TYR A 472 26.43 -8.55 15.52
CA TYR A 472 25.78 -7.35 16.04
C TYR A 472 24.65 -7.71 17.01
N LEU A 473 23.79 -8.66 16.60
CA LEU A 473 22.64 -9.00 17.43
C LEU A 473 23.05 -9.63 18.75
N MET A 474 24.00 -10.58 18.69
CA MET A 474 24.47 -11.20 19.92
C MET A 474 25.05 -10.18 20.88
N ARG A 475 25.88 -9.27 20.36
CA ARG A 475 26.51 -8.28 21.23
C ARG A 475 25.50 -7.29 21.79
N THR A 476 24.60 -6.78 20.95
CA THR A 476 23.71 -5.70 21.36
C THR A 476 22.61 -6.19 22.29
N ASN A 477 22.12 -7.41 22.09
CA ASN A 477 21.00 -7.94 22.86
C ASN A 477 21.41 -8.99 23.89
N ARG A 478 22.69 -9.33 23.98
CA ARG A 478 23.19 -10.38 24.87
C ARG A 478 22.40 -11.68 24.69
N VAL A 479 22.40 -12.18 23.46
CA VAL A 479 21.76 -13.46 23.17
C VAL A 479 22.77 -14.41 22.56
N LYS A 480 22.45 -15.71 22.63
CA LYS A 480 23.31 -16.76 22.13
C LYS A 480 23.19 -16.88 20.61
N LEU A 481 24.18 -17.55 20.01
CA LEU A 481 24.18 -17.75 18.56
C LEU A 481 22.87 -18.36 18.09
N ASP A 482 22.39 -19.40 18.78
CA ASP A 482 21.21 -20.10 18.31
C ASP A 482 19.99 -19.21 18.26
N GLU A 483 19.86 -18.25 19.19
CA GLU A 483 18.71 -17.36 19.16
C GLU A 483 18.83 -16.31 18.06
N ALA A 484 20.02 -15.73 17.88
CA ALA A 484 20.22 -14.75 16.81
C ALA A 484 20.08 -15.41 15.43
N PHE A 485 20.68 -16.59 15.25
CA PHE A 485 20.60 -17.30 13.98
C PHE A 485 19.16 -17.57 13.59
N GLU A 486 18.37 -18.12 14.52
CA GLU A 486 16.96 -18.35 14.23
C GLU A 486 16.25 -17.07 13.86
N PHE A 487 16.55 -15.98 14.58
CA PHE A 487 15.94 -14.70 14.27
C PHE A 487 16.28 -14.26 12.84
N VAL A 488 17.54 -14.39 12.43
CA VAL A 488 17.92 -13.94 11.08
C VAL A 488 17.44 -14.94 10.03
N LYS A 489 17.55 -16.23 10.32
CA LYS A 489 17.07 -17.25 9.39
C LYS A 489 15.58 -17.08 9.10
N GLN A 490 14.80 -16.69 10.10
CA GLN A 490 13.36 -16.43 9.90
C GLN A 490 13.11 -15.35 8.88
N ARG A 491 14.04 -14.40 8.74
CA ARG A 491 13.80 -13.26 7.87
C ARG A 491 14.53 -13.35 6.53
N ARG A 492 15.65 -14.07 6.47
CA ARG A 492 16.40 -14.27 5.22
C ARG A 492 16.79 -15.75 5.23
N SER A 493 15.89 -16.58 4.69
CA SER A 493 16.00 -18.03 4.87
C SER A 493 17.22 -18.64 4.19
N ILE A 494 17.88 -17.93 3.27
CA ILE A 494 19.03 -18.52 2.58
C ILE A 494 20.35 -18.26 3.29
N ILE A 495 20.36 -17.56 4.44
CA ILE A 495 21.63 -17.35 5.14
C ILE A 495 22.22 -18.71 5.50
N SER A 496 23.53 -18.79 5.43
CA SER A 496 24.27 -20.01 5.67
C SER A 496 25.73 -19.65 5.88
N PRO A 497 26.07 -19.06 7.03
CA PRO A 497 27.47 -18.71 7.30
C PRO A 497 28.37 -19.93 7.20
N ASN A 498 29.56 -19.77 6.64
CA ASN A 498 30.42 -20.93 6.52
C ASN A 498 30.82 -21.41 7.92
N PHE A 499 31.19 -22.69 7.99
CA PHE A 499 31.34 -23.34 9.30
C PHE A 499 32.40 -22.64 10.14
N SER A 500 33.46 -22.13 9.52
CA SER A 500 34.46 -21.38 10.28
C SER A 500 33.86 -20.11 10.87
N PHE A 501 33.02 -19.40 10.11
CA PHE A 501 32.37 -18.21 10.66
C PHE A 501 31.44 -18.57 11.81
N MET A 502 30.71 -19.69 11.69
CA MET A 502 29.87 -20.17 12.80
C MET A 502 30.72 -20.46 14.04
N GLY A 503 31.89 -21.09 13.84
CA GLY A 503 32.82 -21.25 14.94
C GLY A 503 33.20 -19.94 15.59
N GLN A 504 33.58 -18.94 14.78
CA GLN A 504 34.02 -17.67 15.33
C GLN A 504 32.89 -16.92 16.03
N LEU A 505 31.65 -17.15 15.59
CA LEU A 505 30.51 -16.53 16.26
C LEU A 505 30.22 -17.20 17.60
N LEU A 506 30.39 -18.52 17.68
CA LEU A 506 30.18 -19.22 18.93
C LEU A 506 31.22 -18.82 19.96
N GLN A 507 32.47 -18.65 19.51
CA GLN A 507 33.50 -18.10 20.38
C GLN A 507 33.18 -16.68 20.82
N PHE A 508 32.65 -15.86 19.90
CA PHE A 508 32.23 -14.50 20.25
C PHE A 508 31.12 -14.53 21.28
N GLU A 509 30.25 -15.56 21.20
CA GLU A 509 29.12 -15.67 22.10
C GLU A 509 29.57 -15.85 23.53
N SER A 510 30.53 -16.74 23.76
CA SER A 510 31.06 -16.89 25.12
C SER A 510 31.82 -15.64 25.55
N GLN A 511 32.38 -14.88 24.61
CA GLN A 511 33.03 -13.61 24.97
CA GLN A 511 33.02 -13.61 24.98
C GLN A 511 31.98 -12.57 25.37
N VAL A 512 30.87 -12.48 24.62
CA VAL A 512 29.82 -11.50 24.87
C VAL A 512 29.10 -11.79 26.19
N LEU A 513 28.95 -13.06 26.56
CA LEU A 513 28.14 -13.47 27.69
C LEU A 513 28.95 -13.98 28.87
N ALA A 514 30.28 -13.78 28.87
CA ALA A 514 31.13 -14.43 29.87
C ALA A 514 30.76 -14.02 31.28
N HIS A 515 30.30 -12.78 31.46
CA HIS A 515 30.02 -12.23 32.78
C HIS A 515 28.53 -11.98 33.01
N HIS A 516 27.68 -12.58 32.17
CA HIS A 516 26.25 -12.31 32.20
C HIS A 516 25.53 -13.04 33.32
N HIS A 517 26.03 -14.21 33.71
CA HIS A 517 25.33 -15.04 34.70
C HIS A 517 25.19 -14.36 36.05
N HIS A 518 25.96 -13.30 36.32
CA HIS A 518 25.86 -12.61 37.60
C HIS A 518 24.61 -11.75 37.71
N HIS A 519 23.99 -11.38 36.58
CA HIS A 519 22.74 -10.61 36.60
C HIS A 519 21.59 -11.39 35.95
N SER B 12 15.09 25.68 7.81
CA SER B 12 14.50 24.35 7.91
C SER B 12 13.15 24.42 8.63
N ASP B 13 13.18 24.71 9.93
CA ASP B 13 11.95 24.88 10.68
C ASP B 13 11.14 26.05 10.13
N LEU B 14 11.80 27.18 9.90
CA LEU B 14 11.10 28.34 9.34
C LEU B 14 10.70 28.10 7.89
N GLY B 15 11.56 27.40 7.14
CA GLY B 15 11.20 27.05 5.77
C GLY B 15 9.92 26.26 5.70
N LYS B 16 9.75 25.30 6.61
CA LYS B 16 8.51 24.52 6.65
C LYS B 16 7.31 25.40 6.99
N LYS B 17 7.45 26.32 7.95
CA LYS B 17 6.35 27.22 8.24
C LYS B 17 6.07 28.17 7.07
N LEU B 18 7.10 28.55 6.31
CA LEU B 18 6.87 29.43 5.16
C LEU B 18 6.10 28.69 4.08
N LEU B 19 6.45 27.42 3.85
CA LEU B 19 5.69 26.60 2.90
C LEU B 19 4.22 26.53 3.31
N GLU B 20 3.96 26.29 4.60
CA GLU B 20 2.57 26.17 5.04
C GLU B 20 1.84 27.49 4.90
N ALA B 21 2.50 28.60 5.26
CA ALA B 21 1.81 29.88 5.19
C ALA B 21 1.60 30.31 3.75
N ALA B 22 2.52 29.94 2.86
CA ALA B 22 2.33 30.28 1.45
C ALA B 22 1.17 29.50 0.85
N HIS B 23 1.04 28.23 1.24
CA HIS B 23 -0.10 27.43 0.81
C HIS B 23 -1.39 28.00 1.38
N ALA B 24 -1.39 28.36 2.67
CA ALA B 24 -2.61 28.82 3.34
C ALA B 24 -3.01 30.24 2.92
N GLY B 25 -2.13 30.99 2.28
CA GLY B 25 -2.48 32.34 1.91
C GLY B 25 -2.43 33.35 3.03
N GLN B 26 -1.60 33.12 4.04
CA GLN B 26 -1.46 34.00 5.20
C GLN B 26 -0.38 35.03 4.90
N ASP B 27 -0.80 36.17 4.32
CA ASP B 27 0.11 37.22 3.87
C ASP B 27 1.09 37.67 4.96
N ASP B 28 0.55 38.13 6.09
CA ASP B 28 1.39 38.68 7.15
C ASP B 28 2.30 37.62 7.76
N GLU B 29 1.81 36.39 7.91
CA GLU B 29 2.68 35.33 8.40
C GLU B 29 3.84 35.10 7.45
N VAL B 30 3.58 35.07 6.14
CA VAL B 30 4.65 34.96 5.15
C VAL B 30 5.68 36.07 5.36
N ARG B 31 5.23 37.32 5.47
CA ARG B 31 6.16 38.44 5.67
C ARG B 31 6.97 38.29 6.97
N ILE B 32 6.31 37.89 8.06
CA ILE B 32 7.01 37.71 9.33
C ILE B 32 8.07 36.61 9.21
N LEU B 33 7.70 35.49 8.58
CA LEU B 33 8.65 34.38 8.46
C LEU B 33 9.82 34.78 7.59
N MET B 34 9.57 35.55 6.54
CA MET B 34 10.65 36.02 5.69
C MET B 34 11.57 36.99 6.43
N ALA B 35 10.98 37.94 7.16
CA ALA B 35 11.79 38.87 7.94
C ALA B 35 12.66 38.13 8.95
N ASN B 36 12.15 37.03 9.51
CA ASN B 36 12.89 36.27 10.51
C ASN B 36 13.85 35.26 9.91
N GLY B 37 14.01 35.22 8.59
CA GLY B 37 15.01 34.36 7.98
C GLY B 37 14.53 33.09 7.28
N ALA B 38 13.23 32.92 7.05
CA ALA B 38 12.77 31.77 6.26
C ALA B 38 13.30 31.85 4.83
N ASP B 39 13.98 30.80 4.40
CA ASP B 39 14.46 30.70 3.03
C ASP B 39 13.29 30.83 2.04
N VAL B 40 13.30 31.88 1.20
CA VAL B 40 12.22 32.03 0.23
C VAL B 40 12.26 30.92 -0.81
N ASN B 41 13.39 30.23 -0.94
CA ASN B 41 13.54 29.09 -1.83
C ASN B 41 13.56 27.77 -1.06
N ALA B 42 12.92 27.74 0.10
CA ALA B 42 12.76 26.49 0.83
C ALA B 42 12.10 25.43 -0.04
N MET B 43 12.47 24.17 0.17
CA MET B 43 11.90 23.03 -0.56
C MET B 43 11.47 21.94 0.41
N ASP B 44 10.27 21.39 0.18
CA ASP B 44 9.88 20.16 0.86
C ASP B 44 10.48 18.97 0.10
N ASN B 45 10.05 17.75 0.44
CA ASN B 45 10.66 16.58 -0.19
C ASN B 45 10.30 16.44 -1.66
N PHE B 46 9.24 17.11 -2.12
CA PHE B 46 8.92 17.09 -3.54
C PHE B 46 9.63 18.19 -4.31
N GLY B 47 10.55 18.92 -3.66
CA GLY B 47 11.13 20.07 -4.33
C GLY B 47 10.17 21.23 -4.51
N VAL B 48 9.05 21.22 -3.80
CA VAL B 48 8.05 22.28 -3.95
C VAL B 48 8.47 23.46 -3.09
N THR B 49 8.45 24.65 -3.67
CA THR B 49 8.87 25.89 -3.03
C THR B 49 7.66 26.74 -2.66
N PRO B 50 7.84 27.73 -1.79
CA PRO B 50 6.70 28.63 -1.47
C PRO B 50 6.09 29.28 -2.70
N LEU B 51 6.90 29.59 -3.71
CA LEU B 51 6.36 30.22 -4.91
C LEU B 51 5.48 29.25 -5.70
N HIS B 52 5.87 27.97 -5.75
CA HIS B 52 5.01 26.93 -6.31
C HIS B 52 3.64 26.93 -5.65
N LEU B 53 3.62 26.94 -4.31
CA LEU B 53 2.38 26.80 -3.57
C LEU B 53 1.54 28.07 -3.67
N ALA B 54 2.16 29.24 -3.55
CA ALA B 54 1.42 30.48 -3.72
C ALA B 54 0.81 30.59 -5.10
N ALA B 55 1.54 30.17 -6.14
CA ALA B 55 0.99 30.25 -7.50
C ALA B 55 -0.19 29.28 -7.67
N TYR B 56 -0.01 28.03 -7.23
CA TYR B 56 -1.07 27.03 -7.38
C TYR B 56 -2.34 27.45 -6.66
N TRP B 57 -2.21 28.03 -5.47
CA TRP B 57 -3.36 28.32 -4.63
C TRP B 57 -3.85 29.76 -4.78
N GLY B 58 -3.28 30.51 -5.73
CA GLY B 58 -3.85 31.78 -6.13
C GLY B 58 -3.57 32.98 -5.23
N HIS B 59 -2.42 33.00 -4.53
CA HIS B 59 -2.12 34.05 -3.57
C HIS B 59 -1.20 35.07 -4.23
N PHE B 60 -1.80 36.04 -4.91
CA PHE B 60 -1.05 36.98 -5.74
C PHE B 60 -0.03 37.77 -4.91
N GLU B 61 -0.46 38.32 -3.78
CA GLU B 61 0.42 39.17 -2.97
C GLU B 61 1.60 38.39 -2.43
N ILE B 62 1.37 37.12 -2.05
CA ILE B 62 2.48 36.29 -1.58
C ILE B 62 3.43 35.98 -2.72
N VAL B 63 2.90 35.72 -3.92
CA VAL B 63 3.74 35.54 -5.11
C VAL B 63 4.64 36.76 -5.32
N GLU B 64 4.05 37.95 -5.21
CA GLU B 64 4.80 39.19 -5.42
C GLU B 64 5.96 39.32 -4.44
N VAL B 65 5.70 39.16 -3.14
CA VAL B 65 6.75 39.41 -2.16
C VAL B 65 7.82 38.35 -2.25
N LEU B 66 7.45 37.10 -2.54
CA LEU B 66 8.44 36.04 -2.69
C LEU B 66 9.40 36.35 -3.82
N LEU B 67 8.87 36.84 -4.94
CA LEU B 67 9.70 37.15 -6.10
C LEU B 67 10.57 38.37 -5.82
N LYS B 68 10.01 39.36 -5.13
CA LYS B 68 10.77 40.56 -4.76
C LYS B 68 12.04 40.19 -4.00
N TYR B 69 11.96 39.20 -3.11
CA TYR B 69 13.11 38.82 -2.31
C TYR B 69 13.79 37.55 -2.81
N GLY B 70 13.77 37.32 -4.12
CA GLY B 70 14.69 36.38 -4.72
C GLY B 70 14.19 34.98 -4.94
N ALA B 71 12.89 34.72 -4.86
CA ALA B 71 12.38 33.39 -5.18
C ALA B 71 12.70 33.06 -6.63
N ASP B 72 13.18 31.83 -6.84
CA ASP B 72 13.53 31.36 -8.18
C ASP B 72 12.26 31.20 -9.01
N VAL B 73 12.06 32.11 -9.97
CA VAL B 73 10.84 32.11 -10.77
C VAL B 73 10.74 30.88 -11.67
N ASN B 74 11.87 30.20 -11.91
CA ASN B 74 11.94 29.08 -12.83
C ASN B 74 12.28 27.77 -12.11
N ALA B 75 12.12 27.73 -10.79
CA ALA B 75 12.34 26.49 -10.05
C ALA B 75 11.38 25.41 -10.54
N SER B 76 11.94 24.23 -10.77
CA SER B 76 11.18 23.05 -11.14
C SER B 76 11.14 22.14 -9.92
N ASP B 77 9.96 21.65 -9.54
CA ASP B 77 9.95 20.73 -8.40
C ASP B 77 10.41 19.34 -8.86
N ALA B 78 10.39 18.38 -7.92
CA ALA B 78 10.90 17.04 -8.24
C ALA B 78 10.10 16.35 -9.34
N THR B 79 8.89 16.83 -9.65
CA THR B 79 8.08 16.22 -10.70
C THR B 79 8.13 16.98 -12.03
N GLY B 80 8.89 18.09 -12.10
CA GLY B 80 8.99 18.88 -13.32
C GLY B 80 8.15 20.15 -13.38
N ASP B 81 7.28 20.40 -12.40
CA ASP B 81 6.40 21.56 -12.44
C ASP B 81 7.13 22.84 -12.06
N THR B 82 6.94 23.90 -12.86
CA THR B 82 7.36 25.25 -12.49
C THR B 82 6.18 26.04 -11.96
N PRO B 83 6.45 27.16 -11.25
CA PRO B 83 5.32 28.00 -10.80
C PRO B 83 4.42 28.45 -11.93
N LEU B 84 4.97 28.76 -13.11
CA LEU B 84 4.14 29.15 -14.24
C LEU B 84 3.17 28.03 -14.64
N HIS B 85 3.65 26.77 -14.65
CA HIS B 85 2.78 25.61 -14.88
C HIS B 85 1.60 25.58 -13.89
N LEU B 86 1.88 25.85 -12.62
CA LEU B 86 0.85 25.68 -11.61
C LEU B 86 -0.19 26.79 -11.68
N ALA B 87 0.25 28.02 -11.92
CA ALA B 87 -0.68 29.14 -12.08
C ALA B 87 -1.52 29.00 -13.33
N ALA B 88 -0.93 28.47 -14.42
CA ALA B 88 -1.66 28.33 -15.66
C ALA B 88 -2.80 27.34 -15.55
N LYS B 89 -2.64 26.31 -14.70
CA LYS B 89 -3.73 25.35 -14.52
CA LYS B 89 -3.71 25.34 -14.48
C LYS B 89 -5.02 26.03 -14.11
N TRP B 90 -4.94 27.10 -13.32
CA TRP B 90 -6.12 27.78 -12.82
C TRP B 90 -6.42 29.08 -13.55
N GLY B 91 -5.65 29.42 -14.58
CA GLY B 91 -5.88 30.66 -15.28
C GLY B 91 -5.68 31.90 -14.44
N TYR B 92 -4.69 31.89 -13.54
CA TYR B 92 -4.43 33.03 -12.68
C TYR B 92 -3.62 34.07 -13.45
N LEU B 93 -4.33 34.98 -14.12
CA LEU B 93 -3.67 35.89 -15.06
C LEU B 93 -2.75 36.90 -14.35
N GLY B 94 -3.19 37.45 -13.23
CA GLY B 94 -2.33 38.36 -12.49
C GLY B 94 -1.02 37.70 -12.06
N ILE B 95 -1.13 36.49 -11.52
CA ILE B 95 0.05 35.75 -11.08
C ILE B 95 0.93 35.41 -12.28
N VAL B 96 0.32 34.94 -13.36
CA VAL B 96 1.07 34.63 -14.58
C VAL B 96 1.82 35.87 -15.07
N GLU B 97 1.17 37.04 -15.03
CA GLU B 97 1.83 38.27 -15.51
C GLU B 97 3.05 38.61 -14.68
N VAL B 98 2.96 38.50 -13.35
CA VAL B 98 4.12 38.86 -12.53
C VAL B 98 5.22 37.81 -12.65
N LEU B 99 4.85 36.54 -12.83
CA LEU B 99 5.85 35.51 -13.08
C LEU B 99 6.65 35.82 -14.33
N LEU B 100 5.95 36.16 -15.42
CA LEU B 100 6.62 36.48 -16.67
C LEU B 100 7.51 37.71 -16.52
N LYS B 101 7.00 38.75 -15.84
CA LYS B 101 7.80 39.94 -15.56
C LYS B 101 9.13 39.60 -14.88
N TYR B 102 9.14 38.61 -14.00
CA TYR B 102 10.37 38.25 -13.32
C TYR B 102 11.20 37.23 -14.10
N GLY B 103 10.84 36.94 -15.34
CA GLY B 103 11.64 36.07 -16.18
C GLY B 103 11.20 34.62 -16.29
N ALA B 104 9.95 34.29 -15.94
CA ALA B 104 9.47 32.93 -16.12
C ALA B 104 9.55 32.54 -17.58
N ASP B 105 10.03 31.31 -17.84
CA ASP B 105 10.17 30.80 -19.20
C ASP B 105 8.83 30.22 -19.68
N VAL B 106 8.17 30.91 -20.63
CA VAL B 106 6.91 30.46 -21.20
C VAL B 106 7.03 29.11 -21.88
N ASN B 107 8.22 28.72 -22.31
CA ASN B 107 8.40 27.50 -23.08
C ASN B 107 8.81 26.30 -22.24
N ALA B 108 8.95 26.46 -20.92
CA ALA B 108 9.30 25.32 -20.07
C ALA B 108 8.21 24.25 -20.14
N GLN B 109 8.61 22.98 -20.15
CA GLN B 109 7.72 21.85 -20.30
C GLN B 109 7.68 21.03 -19.01
N ASP B 110 6.48 20.57 -18.65
CA ASP B 110 6.32 19.72 -17.46
C ASP B 110 6.69 18.28 -17.85
N LYS B 111 6.34 17.32 -16.98
CA LYS B 111 6.75 15.94 -17.19
C LYS B 111 6.05 15.29 -18.37
N PHE B 112 4.93 15.85 -18.83
CA PHE B 112 4.25 15.36 -20.02
C PHE B 112 4.63 16.10 -21.29
N GLY B 113 5.68 16.92 -21.24
CA GLY B 113 6.00 17.76 -22.38
C GLY B 113 5.08 18.95 -22.60
N LYS B 114 4.22 19.27 -21.64
CA LYS B 114 3.27 20.36 -21.83
C LYS B 114 3.84 21.69 -21.34
N THR B 115 3.60 22.74 -22.12
CA THR B 115 3.92 24.09 -21.65
C THR B 115 2.74 24.66 -20.87
N ALA B 116 2.95 25.86 -20.32
CA ALA B 116 1.89 26.57 -19.63
C ALA B 116 0.68 26.77 -20.52
N PHE B 117 0.93 27.06 -21.81
CA PHE B 117 -0.13 27.20 -22.80
C PHE B 117 -0.97 25.92 -22.89
N ASP B 118 -0.31 24.77 -23.13
CA ASP B 118 -1.00 23.48 -23.14
C ASP B 118 -1.77 23.24 -21.85
N ILE B 119 -1.15 23.52 -20.71
CA ILE B 119 -1.79 23.26 -19.42
C ILE B 119 -3.05 24.10 -19.25
N SER B 120 -3.01 25.37 -19.65
CA SER B 120 -4.20 26.20 -19.48
C SER B 120 -5.37 25.66 -20.30
N ILE B 121 -5.12 25.20 -21.53
CA ILE B 121 -6.18 24.57 -22.32
C ILE B 121 -6.67 23.28 -21.65
N ASP B 122 -5.74 22.46 -21.14
CA ASP B 122 -6.14 21.19 -20.52
C ASP B 122 -7.07 21.36 -19.33
N ASN B 123 -7.15 22.56 -18.75
CA ASN B 123 -8.07 22.82 -17.65
C ASN B 123 -9.12 23.86 -18.03
N GLY B 124 -9.32 24.10 -19.32
CA GLY B 124 -10.40 24.97 -19.79
C GLY B 124 -10.12 26.47 -19.72
N ASN B 125 -8.92 26.88 -19.31
CA ASN B 125 -8.63 28.31 -19.12
C ASN B 125 -8.09 28.89 -20.43
N GLU B 126 -8.98 28.91 -21.42
CA GLU B 126 -8.62 29.33 -22.76
C GLU B 126 -8.48 30.84 -22.90
N ASP B 127 -9.06 31.61 -21.98
CA ASP B 127 -8.75 33.04 -21.90
C ASP B 127 -7.27 33.26 -21.65
N LEU B 128 -6.67 32.47 -20.77
CA LEU B 128 -5.23 32.56 -20.55
C LEU B 128 -4.44 31.97 -21.70
N ALA B 129 -4.93 30.87 -22.30
CA ALA B 129 -4.26 30.27 -23.43
C ALA B 129 -4.07 31.28 -24.56
N GLU B 130 -5.10 32.08 -24.83
CA GLU B 130 -5.03 33.09 -25.88
C GLU B 130 -3.93 34.11 -25.61
N ILE B 131 -3.74 34.51 -24.35
CA ILE B 131 -2.67 35.45 -24.02
C ILE B 131 -1.30 34.79 -24.13
N LEU B 132 -1.16 33.57 -23.63
CA LEU B 132 0.12 32.88 -23.69
C LEU B 132 0.53 32.59 -25.14
N GLN B 133 -0.45 32.37 -26.02
CA GLN B 133 -0.15 31.98 -27.40
C GLN B 133 0.63 33.08 -28.12
N LYS B 134 0.39 34.32 -27.80
CA LYS B 134 1.13 35.42 -28.39
C LYS B 134 2.59 35.51 -27.87
N LEU B 135 3.10 34.58 -27.05
CA LEU B 135 4.39 34.74 -26.40
C LEU B 135 5.34 33.61 -26.78
N ASN B 136 6.62 33.95 -26.88
CA ASN B 136 7.65 32.94 -27.18
C ASN B 136 8.92 33.20 -26.38
#